data_4ROM
#
_entry.id   4ROM
#
_cell.length_a   61.985
_cell.length_b   78.922
_cell.length_c   53.264
_cell.angle_alpha   90.00
_cell.angle_beta   98.44
_cell.angle_gamma   90.00
#
_symmetry.space_group_name_H-M   'P 1 21 1'
#
loop_
_entity.id
_entity.type
_entity.pdbx_description
1 polymer 'Hemoglobin subunit alpha'
2 polymer 'Hemoglobin subunit beta'
3 non-polymer 'PROTOPORPHYRIN IX CONTAINING FE'
4 non-polymer '4-{2-chloro-4-[3-(1H-imidazol-2-yl)propanoyl]phenoxy}butanoic acid'
5 non-polymer 'SULFATE ION'
6 water water
#
loop_
_entity_poly.entity_id
_entity_poly.type
_entity_poly.pdbx_seq_one_letter_code
_entity_poly.pdbx_strand_id
1 'polypeptide(L)'
;VLSPADKTNVKAAWGKVGAHAGEYGAEALERMFLSFPTTKTYFPHFDLSHGSAQVKGHGKKVADALTNAVAHVDDMPNAL
SALSDLHAHKLRVDPVNFKLLSHCLLVTLAAHLPAEFTPAVHASLDKFLASVSTVLTSKYR
;
A,C
2 'polypeptide(L)'
;VHLTPEEKSAVTALWGKVNVDEVGGEALGRLLVVYPWTQRFFESFGDLSTPDAVMGNPKVKAHGKKVLGAFSDGLAHLDN
LKGTFATLSELHCDKLHVDPENFRLLGNVLVCVLAHHFGKEFTPPVQAAYQKVVAGVANALAHKYH
;
B,D
#
loop_
_chem_comp.id
_chem_comp.type
_chem_comp.name
_chem_comp.formula
3U8 non-polymer '4-{2-chloro-4-[3-(1H-imidazol-2-yl)propanoyl]phenoxy}butanoic acid' 'C16 H17 Cl N2 O4'
HEM non-polymer 'PROTOPORPHYRIN IX CONTAINING FE' 'C34 H32 Fe N4 O4'
SO4 non-polymer 'SULFATE ION' 'O4 S -2'
#
# COMPACT_ATOMS: atom_id res chain seq x y z
N VAL A 1 -6.32 -10.85 -13.30
CA VAL A 1 -6.75 -11.80 -14.30
C VAL A 1 -7.02 -11.17 -15.70
N LEU A 2 -6.06 -11.39 -16.60
CA LEU A 2 -6.02 -10.70 -17.87
C LEU A 2 -7.04 -11.24 -18.87
N SER A 3 -7.97 -10.37 -19.27
CA SER A 3 -8.99 -10.72 -20.22
C SER A 3 -8.35 -10.77 -21.60
N PRO A 4 -9.01 -11.40 -22.59
CA PRO A 4 -8.43 -11.47 -23.93
C PRO A 4 -8.18 -10.05 -24.46
N ALA A 5 -8.99 -9.09 -24.03
CA ALA A 5 -8.84 -7.71 -24.46
C ALA A 5 -7.58 -7.10 -23.86
N ASP A 6 -7.34 -7.37 -22.57
CA ASP A 6 -6.15 -6.85 -21.92
C ASP A 6 -4.92 -7.39 -22.64
N LYS A 7 -4.93 -8.69 -22.92
CA LYS A 7 -3.82 -9.32 -23.61
C LYS A 7 -3.60 -8.70 -24.98
N THR A 8 -4.69 -8.45 -25.68
CA THR A 8 -4.61 -7.83 -27.01
C THR A 8 -3.98 -6.45 -26.87
N ASN A 9 -4.52 -5.64 -25.95
CA ASN A 9 -3.99 -4.28 -25.75
C ASN A 9 -2.53 -4.28 -25.32
N VAL A 10 -2.18 -5.18 -24.41
CA VAL A 10 -0.80 -5.27 -23.92
C VAL A 10 0.17 -5.63 -25.05
N LYS A 11 -0.18 -6.64 -25.84
CA LYS A 11 0.69 -7.05 -26.94
C LYS A 11 0.87 -5.92 -27.95
N ALA A 12 -0.23 -5.24 -28.27
CA ALA A 12 -0.19 -4.14 -29.23
C ALA A 12 0.64 -2.96 -28.74
N ALA A 13 0.38 -2.53 -27.51
CA ALA A 13 1.09 -1.40 -26.93
C ALA A 13 2.58 -1.68 -26.77
N TRP A 14 2.89 -2.82 -26.15
CA TRP A 14 4.29 -3.20 -25.92
C TRP A 14 5.06 -3.36 -27.22
N GLY A 15 4.36 -3.25 -28.34
CA GLY A 15 4.99 -3.38 -29.64
C GLY A 15 6.21 -2.51 -29.84
N LYS A 16 6.03 -1.19 -29.77
CA LYS A 16 7.13 -0.27 -29.96
C LYS A 16 8.14 -0.24 -28.81
N VAL A 17 7.72 -0.73 -27.64
CA VAL A 17 8.60 -0.76 -26.47
C VAL A 17 9.73 -1.75 -26.70
N GLY A 18 9.66 -2.49 -27.81
CA GLY A 18 10.66 -3.49 -28.12
C GLY A 18 12.07 -3.01 -28.33
N ALA A 19 12.30 -2.30 -29.44
CA ALA A 19 13.62 -1.79 -29.77
C ALA A 19 14.16 -0.81 -28.74
N HIS A 20 13.26 -0.13 -28.03
CA HIS A 20 13.65 0.84 -27.01
C HIS A 20 13.67 0.23 -25.61
N ALA A 21 13.89 -1.07 -25.52
CA ALA A 21 13.90 -1.78 -24.24
C ALA A 21 14.80 -1.14 -23.20
N GLY A 22 16.11 -1.16 -23.43
CA GLY A 22 17.04 -0.59 -22.49
C GLY A 22 16.80 0.88 -22.19
N GLU A 23 16.45 1.66 -23.21
CA GLU A 23 16.21 3.08 -23.04
C GLU A 23 15.01 3.36 -22.15
N TYR A 24 13.88 2.71 -22.46
CA TYR A 24 12.65 2.91 -21.69
C TYR A 24 12.75 2.29 -20.31
N GLY A 25 13.41 1.15 -20.21
CA GLY A 25 13.57 0.50 -18.92
C GLY A 25 14.48 1.34 -18.04
N ALA A 26 15.50 1.93 -18.65
CA ALA A 26 16.44 2.77 -17.92
C ALA A 26 15.72 4.03 -17.45
N GLU A 27 14.92 4.61 -18.34
CA GLU A 27 14.16 5.80 -18.02
C GLU A 27 13.17 5.53 -16.89
N ALA A 28 12.51 4.38 -16.95
CA ALA A 28 11.54 4.02 -15.92
C ALA A 28 12.25 3.93 -14.58
N LEU A 29 13.44 3.33 -14.56
CA LEU A 29 14.22 3.20 -13.33
C LEU A 29 14.61 4.57 -12.77
N GLU A 30 15.15 5.43 -13.63
CA GLU A 30 15.54 6.76 -13.20
C GLU A 30 14.34 7.52 -12.64
N ARG A 31 13.19 7.40 -13.29
CA ARG A 31 11.98 8.08 -12.82
C ARG A 31 11.63 7.60 -11.41
N MET A 32 11.81 6.30 -11.17
CA MET A 32 11.52 5.73 -9.87
C MET A 32 12.49 6.22 -8.81
N PHE A 33 13.79 6.19 -9.12
CA PHE A 33 14.79 6.64 -8.16
C PHE A 33 14.58 8.09 -7.75
N LEU A 34 14.19 8.94 -8.70
CA LEU A 34 13.97 10.35 -8.42
C LEU A 34 12.64 10.61 -7.72
N SER A 35 11.58 9.94 -8.19
CA SER A 35 10.26 10.12 -7.62
C SER A 35 10.07 9.43 -6.29
N PHE A 36 10.63 8.23 -6.18
CA PHE A 36 10.52 7.44 -4.96
C PHE A 36 11.91 7.03 -4.50
N PRO A 37 12.64 7.95 -3.84
CA PRO A 37 14.01 7.79 -3.33
C PRO A 37 14.24 6.54 -2.49
N THR A 38 13.23 6.13 -1.74
CA THR A 38 13.38 4.94 -0.90
C THR A 38 13.74 3.71 -1.74
N THR A 39 13.33 3.68 -3.01
CA THR A 39 13.63 2.54 -3.87
C THR A 39 15.11 2.38 -4.14
N LYS A 40 15.87 3.44 -3.94
CA LYS A 40 17.31 3.38 -4.17
C LYS A 40 18.00 2.52 -3.10
N THR A 41 17.28 2.21 -2.02
CA THR A 41 17.82 1.39 -0.93
C THR A 41 18.10 -0.03 -1.42
N TYR A 42 17.58 -0.37 -2.60
CA TYR A 42 17.79 -1.70 -3.15
C TYR A 42 18.96 -1.72 -4.11
N PHE A 43 19.49 -0.54 -4.44
CA PHE A 43 20.62 -0.44 -5.36
C PHE A 43 21.84 0.32 -4.82
N PRO A 44 22.27 0.01 -3.59
CA PRO A 44 23.43 0.72 -3.05
C PRO A 44 24.70 0.27 -3.78
N HIS A 45 24.60 -0.88 -4.46
CA HIS A 45 25.72 -1.46 -5.21
C HIS A 45 25.79 -0.95 -6.64
N PHE A 46 25.00 0.07 -6.94
CA PHE A 46 24.96 0.66 -8.28
C PHE A 46 25.37 2.11 -8.24
N ASP A 47 25.92 2.57 -9.35
CA ASP A 47 26.26 3.98 -9.51
C ASP A 47 24.91 4.43 -10.07
N LEU A 48 24.14 5.19 -9.29
CA LEU A 48 22.84 5.64 -9.74
C LEU A 48 22.92 7.00 -10.42
N SER A 49 24.12 7.34 -10.89
CA SER A 49 24.33 8.61 -11.57
C SER A 49 23.58 8.57 -12.89
N HIS A 50 22.97 9.71 -13.24
CA HIS A 50 22.24 9.81 -14.48
C HIS A 50 23.07 9.21 -15.61
N GLY A 51 22.47 8.26 -16.33
CA GLY A 51 23.15 7.62 -17.45
C GLY A 51 24.17 6.52 -17.16
N SER A 52 24.27 6.07 -15.93
CA SER A 52 25.25 5.02 -15.60
C SER A 52 25.02 3.73 -16.41
N ALA A 53 26.10 2.98 -16.62
CA ALA A 53 26.01 1.74 -17.38
C ALA A 53 25.15 0.74 -16.63
N GLN A 54 25.31 0.71 -15.31
CA GLN A 54 24.55 -0.20 -14.45
C GLN A 54 23.05 -0.02 -14.57
N VAL A 55 22.59 1.24 -14.57
CA VAL A 55 21.17 1.54 -14.68
C VAL A 55 20.66 1.24 -16.09
N LYS A 56 21.48 1.51 -17.09
CA LYS A 56 21.06 1.22 -18.45
C LYS A 56 20.93 -0.29 -18.64
N GLY A 57 21.90 -1.05 -18.13
CA GLY A 57 21.85 -2.50 -18.28
C GLY A 57 20.71 -3.15 -17.52
N HIS A 58 20.46 -2.68 -16.30
CA HIS A 58 19.37 -3.23 -15.52
C HIS A 58 18.05 -2.82 -16.17
N GLY A 59 18.02 -1.61 -16.72
CA GLY A 59 16.81 -1.18 -17.40
C GLY A 59 16.44 -2.15 -18.51
N LYS A 60 17.45 -2.58 -19.26
CA LYS A 60 17.24 -3.52 -20.35
C LYS A 60 16.81 -4.88 -19.82
N LYS A 61 17.43 -5.30 -18.72
CA LYS A 61 17.09 -6.59 -18.11
C LYS A 61 15.60 -6.62 -17.72
N VAL A 62 15.12 -5.53 -17.15
CA VAL A 62 13.73 -5.42 -16.72
C VAL A 62 12.77 -5.37 -17.91
N ALA A 63 13.08 -4.54 -18.90
CA ALA A 63 12.25 -4.40 -20.08
C ALA A 63 12.15 -5.70 -20.88
N ASP A 64 13.28 -6.43 -20.96
CA ASP A 64 13.31 -7.69 -21.70
C ASP A 64 12.45 -8.73 -21.02
N ALA A 65 12.49 -8.72 -19.69
CA ALA A 65 11.68 -9.65 -18.88
C ALA A 65 10.20 -9.37 -19.10
N LEU A 66 9.85 -8.09 -19.24
CA LEU A 66 8.46 -7.72 -19.47
C LEU A 66 8.08 -8.10 -20.90
N THR A 67 9.01 -7.94 -21.83
CA THR A 67 8.73 -8.31 -23.22
C THR A 67 8.43 -9.81 -23.27
N ASN A 68 9.15 -10.56 -22.43
CA ASN A 68 8.95 -12.01 -22.35
C ASN A 68 7.55 -12.28 -21.82
N ALA A 69 7.23 -11.73 -20.65
CA ALA A 69 5.93 -11.90 -20.03
C ALA A 69 4.80 -11.56 -21.02
N VAL A 70 5.00 -10.51 -21.81
CA VAL A 70 4.01 -10.11 -22.80
C VAL A 70 3.90 -11.20 -23.87
N ALA A 71 5.05 -11.73 -24.27
CA ALA A 71 5.11 -12.77 -25.29
C ALA A 71 4.42 -14.03 -24.83
N HIS A 72 4.54 -14.33 -23.53
CA HIS A 72 3.91 -15.52 -22.98
C HIS A 72 2.89 -15.11 -21.93
N VAL A 73 2.07 -14.13 -22.28
CA VAL A 73 1.05 -13.62 -21.37
C VAL A 73 0.06 -14.70 -20.94
N ASP A 74 -0.07 -15.76 -21.74
CA ASP A 74 -1.00 -16.83 -21.39
C ASP A 74 -0.42 -17.95 -20.54
N ASP A 75 0.78 -17.73 -20.03
CA ASP A 75 1.47 -18.70 -19.16
C ASP A 75 2.62 -17.94 -18.49
N MET A 76 2.24 -16.84 -17.85
CA MET A 76 3.15 -15.95 -17.17
C MET A 76 3.87 -16.58 -15.97
N PRO A 77 3.16 -17.38 -15.17
CA PRO A 77 3.78 -18.02 -14.01
C PRO A 77 5.06 -18.80 -14.37
N ASN A 78 4.97 -19.67 -15.38
CA ASN A 78 6.15 -20.44 -15.78
C ASN A 78 7.24 -19.58 -16.41
N ALA A 79 6.85 -18.69 -17.32
CA ALA A 79 7.78 -17.81 -17.99
C ALA A 79 8.64 -16.99 -17.01
N LEU A 80 8.01 -16.52 -15.94
CA LEU A 80 8.71 -15.71 -14.94
C LEU A 80 9.18 -16.50 -13.72
N SER A 81 8.99 -17.81 -13.75
CA SER A 81 9.36 -18.66 -12.63
C SER A 81 10.76 -18.44 -12.06
N ALA A 82 11.77 -18.36 -12.92
CA ALA A 82 13.15 -18.14 -12.47
C ALA A 82 13.30 -16.77 -11.82
N LEU A 83 12.69 -15.76 -12.44
CA LEU A 83 12.74 -14.39 -11.94
C LEU A 83 12.02 -14.31 -10.61
N SER A 84 10.92 -15.05 -10.50
CA SER A 84 10.12 -15.10 -9.29
C SER A 84 10.95 -15.67 -8.13
N ASP A 85 11.69 -16.75 -8.40
CA ASP A 85 12.53 -17.35 -7.37
C ASP A 85 13.61 -16.38 -6.93
N LEU A 86 14.21 -15.70 -7.90
CA LEU A 86 15.27 -14.73 -7.62
C LEU A 86 14.79 -13.60 -6.69
N HIS A 87 13.65 -13.00 -7.01
CA HIS A 87 13.18 -11.90 -6.15
C HIS A 87 12.70 -12.43 -4.80
N ALA A 88 12.16 -13.65 -4.78
CA ALA A 88 11.64 -14.23 -3.55
C ALA A 88 12.70 -14.71 -2.55
N HIS A 89 13.74 -15.37 -3.06
CA HIS A 89 14.76 -15.93 -2.18
C HIS A 89 16.03 -15.12 -1.99
N LYS A 90 16.35 -14.27 -2.96
CA LYS A 90 17.57 -13.50 -2.86
C LYS A 90 17.41 -11.98 -2.76
N LEU A 91 16.90 -11.36 -3.80
CA LEU A 91 16.72 -9.90 -3.79
C LEU A 91 15.81 -9.43 -2.64
N ARG A 92 14.70 -10.13 -2.46
CA ARG A 92 13.75 -9.84 -1.38
C ARG A 92 13.30 -8.36 -1.27
N VAL A 93 12.92 -7.80 -2.41
CA VAL A 93 12.44 -6.43 -2.46
C VAL A 93 11.03 -6.37 -1.88
N ASP A 94 10.79 -5.47 -0.93
CA ASP A 94 9.45 -5.39 -0.35
C ASP A 94 8.43 -5.23 -1.48
N PRO A 95 7.32 -5.96 -1.40
CA PRO A 95 6.26 -5.90 -2.42
C PRO A 95 5.78 -4.51 -2.82
N VAL A 96 5.77 -3.57 -1.87
CA VAL A 96 5.30 -2.21 -2.17
C VAL A 96 6.01 -1.54 -3.33
N ASN A 97 7.28 -1.86 -3.52
CA ASN A 97 8.07 -1.24 -4.58
C ASN A 97 7.68 -1.63 -6.00
N PHE A 98 7.06 -2.79 -6.16
CA PHE A 98 6.66 -3.20 -7.49
C PHE A 98 5.61 -2.22 -8.04
N LYS A 99 4.75 -1.70 -7.17
CA LYS A 99 3.72 -0.74 -7.60
C LYS A 99 4.36 0.58 -8.03
N LEU A 100 5.46 0.92 -7.38
CA LEU A 100 6.21 2.13 -7.67
C LEU A 100 6.87 2.01 -9.03
N LEU A 101 7.58 0.91 -9.27
CA LEU A 101 8.22 0.74 -10.58
C LEU A 101 7.16 0.59 -11.67
N SER A 102 6.06 -0.11 -11.35
CA SER A 102 4.98 -0.29 -12.32
C SER A 102 4.41 1.08 -12.75
N HIS A 103 4.26 1.99 -11.80
CA HIS A 103 3.75 3.33 -12.08
C HIS A 103 4.72 4.12 -12.97
N CYS A 104 6.02 4.02 -12.67
CA CYS A 104 7.02 4.72 -13.45
C CYS A 104 7.15 4.14 -14.85
N LEU A 105 6.79 2.87 -15.00
CA LEU A 105 6.81 2.24 -16.32
C LEU A 105 5.62 2.82 -17.09
N LEU A 106 4.47 2.90 -16.45
CA LEU A 106 3.29 3.47 -17.12
C LEU A 106 3.57 4.90 -17.55
N VAL A 107 4.25 5.65 -16.69
CA VAL A 107 4.59 7.05 -16.98
C VAL A 107 5.52 7.09 -18.18
N THR A 108 6.49 6.18 -18.20
CA THR A 108 7.44 6.11 -19.30
C THR A 108 6.72 5.80 -20.60
N LEU A 109 5.82 4.81 -20.56
CA LEU A 109 5.05 4.43 -21.74
C LEU A 109 4.17 5.57 -22.24
N ALA A 110 3.56 6.30 -21.30
CA ALA A 110 2.68 7.44 -21.60
C ALA A 110 3.44 8.58 -22.28
N ALA A 111 4.66 8.84 -21.81
CA ALA A 111 5.47 9.91 -22.37
C ALA A 111 6.11 9.53 -23.70
N HIS A 112 6.13 8.24 -24.04
CA HIS A 112 6.76 7.80 -25.29
C HIS A 112 5.83 7.28 -26.36
N LEU A 113 4.65 6.79 -25.96
CA LEU A 113 3.70 6.24 -26.91
C LEU A 113 2.34 6.91 -26.78
N PRO A 114 2.27 8.22 -27.07
CA PRO A 114 1.02 8.96 -26.98
C PRO A 114 -0.14 8.35 -27.75
N ALA A 115 0.13 7.84 -28.96
CA ALA A 115 -0.92 7.24 -29.78
C ALA A 115 -1.49 5.99 -29.15
N GLU A 116 -0.62 5.16 -28.59
CA GLU A 116 -1.02 3.90 -27.98
C GLU A 116 -1.57 3.97 -26.57
N PHE A 117 -1.19 5.00 -25.82
CA PHE A 117 -1.64 5.11 -24.42
C PHE A 117 -3.07 5.60 -24.21
N THR A 118 -4.03 4.91 -24.80
CA THR A 118 -5.43 5.31 -24.63
C THR A 118 -5.89 4.89 -23.24
N PRO A 119 -7.09 5.35 -22.81
CA PRO A 119 -7.56 4.97 -21.48
C PRO A 119 -7.67 3.45 -21.29
N ALA A 120 -8.23 2.76 -22.28
CA ALA A 120 -8.39 1.32 -22.23
C ALA A 120 -7.04 0.60 -22.19
N VAL A 121 -6.10 1.07 -22.98
CA VAL A 121 -4.76 0.47 -23.01
C VAL A 121 -4.04 0.75 -21.69
N HIS A 122 -4.23 1.95 -21.17
CA HIS A 122 -3.67 2.38 -19.90
C HIS A 122 -4.10 1.37 -18.83
N ALA A 123 -5.41 1.15 -18.73
CA ALA A 123 -5.99 0.21 -17.76
C ALA A 123 -5.45 -1.22 -17.93
N SER A 124 -5.29 -1.67 -19.17
CA SER A 124 -4.78 -3.01 -19.45
C SER A 124 -3.31 -3.13 -19.04
N LEU A 125 -2.53 -2.11 -19.36
CA LEU A 125 -1.11 -2.12 -18.99
C LEU A 125 -0.99 -2.17 -17.47
N ASP A 126 -1.77 -1.33 -16.79
CA ASP A 126 -1.72 -1.31 -15.35
C ASP A 126 -2.04 -2.68 -14.78
N LYS A 127 -3.07 -3.34 -15.30
CA LYS A 127 -3.42 -4.67 -14.83
C LYS A 127 -2.27 -5.63 -15.16
N PHE A 128 -1.67 -5.45 -16.33
CA PHE A 128 -0.57 -6.32 -16.74
C PHE A 128 0.60 -6.25 -15.77
N LEU A 129 1.06 -5.03 -15.50
CA LEU A 129 2.18 -4.84 -14.59
C LEU A 129 1.86 -5.33 -13.18
N ALA A 130 0.61 -5.19 -12.77
CA ALA A 130 0.21 -5.66 -11.44
C ALA A 130 0.26 -7.19 -11.40
N SER A 131 -0.05 -7.83 -12.53
CA SER A 131 -0.02 -9.29 -12.64
C SER A 131 1.41 -9.77 -12.52
N VAL A 132 2.28 -9.17 -13.31
CA VAL A 132 3.70 -9.51 -13.29
C VAL A 132 4.24 -9.37 -11.88
N SER A 133 3.86 -8.28 -11.21
CA SER A 133 4.29 -8.03 -9.84
C SER A 133 3.80 -9.16 -8.94
N THR A 134 2.54 -9.58 -9.14
CA THR A 134 1.99 -10.67 -8.35
C THR A 134 2.80 -11.95 -8.55
N VAL A 135 3.13 -12.26 -9.79
CA VAL A 135 3.92 -13.45 -10.08
C VAL A 135 5.30 -13.31 -9.43
N LEU A 136 5.93 -12.15 -9.59
CA LEU A 136 7.25 -11.93 -9.03
C LEU A 136 7.31 -12.01 -7.51
N THR A 137 6.19 -11.78 -6.85
CA THR A 137 6.16 -11.82 -5.39
C THR A 137 5.42 -13.06 -4.86
N SER A 138 4.93 -13.90 -5.77
CA SER A 138 4.16 -15.09 -5.40
C SER A 138 4.86 -16.14 -4.54
N LYS A 139 6.19 -16.15 -4.51
CA LYS A 139 6.93 -17.13 -3.71
C LYS A 139 7.63 -16.53 -2.49
N TYR A 140 7.29 -15.29 -2.14
CA TYR A 140 7.94 -14.62 -1.00
C TYR A 140 7.77 -15.31 0.35
N ARG A 141 6.62 -15.93 0.58
CA ARG A 141 6.38 -16.63 1.84
C ARG A 141 5.31 -17.70 1.69
N VAL B 1 6.32 16.53 1.27
CA VAL B 1 6.23 17.57 2.33
C VAL B 1 6.98 18.81 1.93
N HIS B 2 8.20 18.65 1.41
CA HIS B 2 9.00 19.80 1.00
C HIS B 2 9.45 19.74 -0.47
N LEU B 3 9.12 20.77 -1.23
CA LEU B 3 9.61 20.78 -2.59
C LEU B 3 10.71 21.82 -2.52
N THR B 4 11.70 21.70 -3.39
CA THR B 4 12.78 22.67 -3.42
C THR B 4 12.30 23.86 -4.24
N PRO B 5 13.01 24.99 -4.16
CA PRO B 5 12.64 26.16 -4.92
C PRO B 5 12.52 25.85 -6.42
N GLU B 6 13.46 25.05 -6.90
CA GLU B 6 13.49 24.68 -8.31
C GLU B 6 12.36 23.72 -8.67
N GLU B 7 11.99 22.87 -7.72
CA GLU B 7 10.91 21.92 -7.98
C GLU B 7 9.60 22.66 -8.13
N LYS B 8 9.27 23.53 -7.18
CA LYS B 8 8.02 24.27 -7.29
C LYS B 8 8.03 25.09 -8.59
N SER B 9 9.20 25.59 -8.98
CA SER B 9 9.31 26.37 -10.20
C SER B 9 8.95 25.51 -11.40
N ALA B 10 9.52 24.31 -11.47
CA ALA B 10 9.25 23.40 -12.58
C ALA B 10 7.76 23.07 -12.66
N VAL B 11 7.14 22.85 -11.50
CA VAL B 11 5.72 22.51 -11.43
C VAL B 11 4.87 23.62 -12.02
N THR B 12 5.03 24.83 -11.49
CA THR B 12 4.24 25.95 -12.00
C THR B 12 4.59 26.26 -13.45
N ALA B 13 5.85 26.12 -13.82
CA ALA B 13 6.25 26.38 -15.21
C ALA B 13 5.47 25.49 -16.18
N LEU B 14 5.46 24.19 -15.90
CA LEU B 14 4.76 23.23 -16.73
C LEU B 14 3.24 23.39 -16.65
N TRP B 15 2.75 23.68 -15.45
CA TRP B 15 1.31 23.83 -15.23
C TRP B 15 0.75 25.09 -15.90
N GLY B 16 1.58 26.12 -16.00
CA GLY B 16 1.15 27.36 -16.62
C GLY B 16 0.64 27.19 -18.04
N LYS B 17 1.01 26.08 -18.69
CA LYS B 17 0.56 25.81 -20.05
C LYS B 17 -0.43 24.66 -20.06
N VAL B 18 -1.08 24.45 -18.92
CA VAL B 18 -2.07 23.40 -18.78
C VAL B 18 -3.46 24.01 -18.65
N ASN B 19 -4.37 23.55 -19.48
CA ASN B 19 -5.75 24.02 -19.44
C ASN B 19 -6.36 23.20 -18.30
N VAL B 20 -6.28 23.74 -17.09
CA VAL B 20 -6.80 23.08 -15.90
C VAL B 20 -8.14 22.43 -16.20
N ASP B 21 -8.96 23.12 -16.98
CA ASP B 21 -10.28 22.62 -17.36
C ASP B 21 -10.23 21.30 -18.12
N GLU B 22 -9.47 21.27 -19.22
CA GLU B 22 -9.35 20.09 -20.07
C GLU B 22 -8.59 18.90 -19.47
N VAL B 23 -7.51 19.17 -18.76
CA VAL B 23 -6.74 18.09 -18.16
C VAL B 23 -7.56 17.48 -17.01
N GLY B 24 -8.35 18.31 -16.35
CA GLY B 24 -9.16 17.84 -15.24
C GLY B 24 -10.10 16.74 -15.67
N GLY B 25 -10.82 16.95 -16.78
CA GLY B 25 -11.74 15.95 -17.27
C GLY B 25 -11.06 14.68 -17.74
N GLU B 26 -9.83 14.84 -18.22
CA GLU B 26 -9.03 13.71 -18.70
C GLU B 26 -8.54 12.82 -17.55
N ALA B 27 -8.13 13.44 -16.45
CA ALA B 27 -7.63 12.70 -15.30
C ALA B 27 -8.75 11.92 -14.62
N LEU B 28 -9.85 12.60 -14.35
CA LEU B 28 -11.00 11.97 -13.69
C LEU B 28 -11.56 10.85 -14.56
N GLY B 29 -11.55 11.07 -15.87
CA GLY B 29 -12.04 10.06 -16.79
C GLY B 29 -11.23 8.79 -16.71
N ARG B 30 -9.91 8.90 -16.80
CA ARG B 30 -9.05 7.72 -16.75
C ARG B 30 -9.14 7.02 -15.40
N LEU B 31 -9.38 7.80 -14.34
CA LEU B 31 -9.49 7.23 -13.01
C LEU B 31 -10.66 6.25 -13.00
N LEU B 32 -11.79 6.69 -13.53
CA LEU B 32 -12.98 5.85 -13.57
C LEU B 32 -12.83 4.67 -14.50
N VAL B 33 -11.87 4.75 -15.41
CA VAL B 33 -11.64 3.66 -16.34
C VAL B 33 -10.62 2.66 -15.82
N VAL B 34 -9.48 3.16 -15.34
CA VAL B 34 -8.41 2.31 -14.84
C VAL B 34 -8.73 1.65 -13.51
N TYR B 35 -9.40 2.39 -12.64
CA TYR B 35 -9.81 1.92 -11.31
C TYR B 35 -11.32 2.15 -11.22
N PRO B 36 -12.10 1.38 -12.00
CA PRO B 36 -13.57 1.45 -12.07
C PRO B 36 -14.37 1.49 -10.77
N TRP B 37 -13.78 1.03 -9.67
CA TRP B 37 -14.53 1.04 -8.42
C TRP B 37 -14.74 2.46 -7.93
N THR B 38 -13.95 3.39 -8.48
CA THR B 38 -14.02 4.81 -8.14
C THR B 38 -15.33 5.43 -8.67
N GLN B 39 -16.01 4.69 -9.53
CA GLN B 39 -17.28 5.14 -10.12
C GLN B 39 -18.41 5.11 -9.08
N ARG B 40 -18.16 4.44 -7.96
CA ARG B 40 -19.14 4.31 -6.89
C ARG B 40 -19.69 5.68 -6.46
N PHE B 41 -18.97 6.76 -6.72
CA PHE B 41 -19.41 8.09 -6.32
C PHE B 41 -20.14 8.85 -7.43
N PHE B 42 -20.20 8.26 -8.63
CA PHE B 42 -20.81 8.98 -9.74
C PHE B 42 -21.93 8.27 -10.48
N GLU B 43 -22.76 7.54 -9.75
CA GLU B 43 -23.87 6.83 -10.38
C GLU B 43 -24.86 7.84 -10.97
N SER B 44 -24.75 9.11 -10.59
CA SER B 44 -25.67 10.15 -11.11
C SER B 44 -25.11 10.88 -12.32
N PHE B 45 -23.88 10.55 -12.72
CA PHE B 45 -23.27 11.22 -13.87
C PHE B 45 -23.81 10.69 -15.19
N GLY B 46 -24.55 9.60 -15.14
CA GLY B 46 -25.13 9.05 -16.35
C GLY B 46 -24.45 7.82 -16.90
N ASP B 47 -24.15 7.86 -18.19
CA ASP B 47 -23.52 6.74 -18.86
C ASP B 47 -22.01 6.71 -18.60
N LEU B 48 -21.55 5.59 -18.06
CA LEU B 48 -20.14 5.37 -17.73
C LEU B 48 -19.82 3.89 -18.07
N SER B 49 -20.60 3.36 -19.01
CA SER B 49 -20.49 1.97 -19.45
C SER B 49 -19.24 1.62 -20.26
N THR B 50 -18.71 2.61 -20.97
CA THR B 50 -17.53 2.38 -21.79
C THR B 50 -16.46 3.44 -21.56
N PRO B 51 -15.22 3.13 -21.93
CA PRO B 51 -14.13 4.11 -21.76
C PRO B 51 -14.48 5.39 -22.51
N ASP B 52 -15.02 5.24 -23.72
CA ASP B 52 -15.38 6.41 -24.52
C ASP B 52 -16.48 7.22 -23.88
N ALA B 53 -17.48 6.52 -23.35
CA ALA B 53 -18.63 7.14 -22.68
C ALA B 53 -18.16 7.92 -21.46
N VAL B 54 -17.28 7.29 -20.68
CA VAL B 54 -16.74 7.93 -19.48
C VAL B 54 -15.95 9.16 -19.85
N MET B 55 -15.05 9.00 -20.83
CA MET B 55 -14.19 10.09 -21.26
C MET B 55 -14.93 11.28 -21.86
N GLY B 56 -16.04 11.03 -22.55
CA GLY B 56 -16.80 12.11 -23.16
C GLY B 56 -17.99 12.61 -22.37
N ASN B 57 -18.19 12.08 -21.16
CA ASN B 57 -19.30 12.47 -20.32
C ASN B 57 -19.11 13.90 -19.82
N PRO B 58 -20.05 14.81 -20.17
CA PRO B 58 -19.96 16.20 -19.73
C PRO B 58 -19.91 16.36 -18.21
N LYS B 59 -20.65 15.52 -17.49
CA LYS B 59 -20.68 15.60 -16.04
C LYS B 59 -19.31 15.24 -15.48
N VAL B 60 -18.68 14.24 -16.08
CA VAL B 60 -17.35 13.81 -15.66
C VAL B 60 -16.38 14.97 -15.90
N LYS B 61 -16.45 15.55 -17.09
CA LYS B 61 -15.56 16.66 -17.42
C LYS B 61 -15.82 17.82 -16.46
N ALA B 62 -17.10 18.08 -16.21
CA ALA B 62 -17.49 19.16 -15.32
C ALA B 62 -16.89 18.92 -13.94
N HIS B 63 -16.94 17.68 -13.46
CA HIS B 63 -16.38 17.39 -12.14
C HIS B 63 -14.86 17.45 -12.21
N GLY B 64 -14.30 16.92 -13.30
CA GLY B 64 -12.85 16.94 -13.47
C GLY B 64 -12.34 18.38 -13.46
N LYS B 65 -13.11 19.30 -14.02
CA LYS B 65 -12.72 20.70 -14.04
C LYS B 65 -12.74 21.24 -12.62
N LYS B 66 -13.81 20.94 -11.90
CA LYS B 66 -13.95 21.40 -10.52
C LYS B 66 -12.83 20.87 -9.64
N VAL B 67 -12.54 19.59 -9.79
CA VAL B 67 -11.50 18.93 -9.01
C VAL B 67 -10.10 19.46 -9.29
N LEU B 68 -9.74 19.63 -10.55
CA LEU B 68 -8.41 20.11 -10.88
C LEU B 68 -8.27 21.62 -10.58
N GLY B 69 -9.39 22.32 -10.56
CA GLY B 69 -9.36 23.74 -10.27
C GLY B 69 -8.83 23.99 -8.88
N ALA B 70 -9.31 23.20 -7.91
CA ALA B 70 -8.88 23.34 -6.53
C ALA B 70 -7.42 22.90 -6.43
N PHE B 71 -7.06 21.94 -7.27
CA PHE B 71 -5.70 21.42 -7.32
C PHE B 71 -4.75 22.54 -7.75
N SER B 72 -5.10 23.23 -8.83
CA SER B 72 -4.28 24.31 -9.36
C SER B 72 -4.09 25.44 -8.35
N ASP B 73 -5.18 25.86 -7.71
CA ASP B 73 -5.10 26.90 -6.71
C ASP B 73 -4.17 26.45 -5.60
N GLY B 74 -4.17 25.15 -5.35
CA GLY B 74 -3.30 24.61 -4.31
C GLY B 74 -1.84 24.73 -4.70
N LEU B 75 -1.58 24.81 -6.00
CA LEU B 75 -0.22 24.95 -6.49
C LEU B 75 0.30 26.34 -6.15
N ALA B 76 -0.61 27.23 -5.76
CA ALA B 76 -0.24 28.59 -5.40
C ALA B 76 -0.03 28.67 -3.88
N HIS B 77 -0.31 27.56 -3.20
CA HIS B 77 -0.17 27.49 -1.74
C HIS B 77 0.59 26.24 -1.34
N LEU B 78 1.76 26.02 -1.94
CA LEU B 78 2.56 24.84 -1.65
C LEU B 78 3.19 24.80 -0.26
N ASP B 79 3.42 25.96 0.35
CA ASP B 79 4.02 25.99 1.69
C ASP B 79 3.06 25.58 2.79
N ASN B 80 1.79 25.38 2.42
CA ASN B 80 0.79 24.96 3.39
C ASN B 80 -0.45 24.41 2.67
N LEU B 81 -0.40 23.14 2.28
CA LEU B 81 -1.51 22.49 1.58
C LEU B 81 -2.63 22.10 2.52
N LYS B 82 -2.29 21.68 3.74
CA LYS B 82 -3.30 21.27 4.71
C LYS B 82 -4.35 22.38 4.86
N GLY B 83 -3.91 23.54 5.33
CA GLY B 83 -4.82 24.66 5.50
C GLY B 83 -5.62 24.94 4.26
N THR B 84 -4.97 24.88 3.10
CA THR B 84 -5.63 25.14 1.83
C THR B 84 -6.83 24.23 1.58
N PHE B 85 -6.69 22.95 1.88
CA PHE B 85 -7.78 22.00 1.65
C PHE B 85 -8.53 21.57 2.91
N ALA B 86 -8.16 22.16 4.05
CA ALA B 86 -8.78 21.83 5.32
C ALA B 86 -10.31 21.70 5.22
N THR B 87 -10.96 22.76 4.74
CA THR B 87 -12.41 22.77 4.63
C THR B 87 -12.86 21.76 3.57
N LEU B 88 -12.06 21.61 2.53
CA LEU B 88 -12.41 20.67 1.48
C LEU B 88 -12.25 19.24 2.00
N SER B 89 -11.28 19.04 2.88
CA SER B 89 -11.04 17.72 3.48
C SER B 89 -12.26 17.34 4.33
N GLU B 90 -12.69 18.26 5.18
CA GLU B 90 -13.85 18.04 6.04
C GLU B 90 -15.10 17.66 5.24
N LEU B 91 -15.27 18.28 4.08
CA LEU B 91 -16.41 18.01 3.23
C LEU B 91 -16.35 16.62 2.61
N HIS B 92 -15.19 16.24 2.11
CA HIS B 92 -15.04 14.94 1.49
C HIS B 92 -15.23 13.81 2.51
N CYS B 93 -14.96 14.10 3.77
CA CYS B 93 -15.11 13.09 4.82
C CYS B 93 -16.55 13.01 5.32
N ASP B 94 -17.04 14.14 5.85
CA ASP B 94 -18.38 14.20 6.43
C ASP B 94 -19.59 14.06 5.50
N LYS B 95 -19.54 14.67 4.32
CA LYS B 95 -20.68 14.60 3.42
C LYS B 95 -20.53 13.71 2.20
N LEU B 96 -19.32 13.67 1.64
CA LEU B 96 -19.06 12.89 0.45
C LEU B 96 -18.61 11.44 0.69
N HIS B 97 -18.01 11.20 1.86
CA HIS B 97 -17.55 9.86 2.22
C HIS B 97 -16.57 9.31 1.20
N VAL B 98 -15.59 10.13 0.82
CA VAL B 98 -14.61 9.69 -0.15
C VAL B 98 -13.36 9.15 0.53
N ASP B 99 -13.11 7.86 0.36
CA ASP B 99 -11.93 7.21 0.93
C ASP B 99 -10.73 7.99 0.36
N PRO B 100 -9.85 8.54 1.22
CA PRO B 100 -8.68 9.30 0.76
C PRO B 100 -7.78 8.59 -0.23
N GLU B 101 -7.90 7.27 -0.29
CA GLU B 101 -7.09 6.50 -1.23
C GLU B 101 -7.42 6.98 -2.64
N ASN B 102 -8.66 7.42 -2.83
CA ASN B 102 -9.11 7.91 -4.12
C ASN B 102 -8.28 9.12 -4.55
N PHE B 103 -7.82 9.90 -3.58
CA PHE B 103 -7.00 11.07 -3.89
C PHE B 103 -5.63 10.63 -4.40
N ARG B 104 -5.11 9.57 -3.82
CA ARG B 104 -3.81 9.06 -4.22
C ARG B 104 -3.88 8.46 -5.61
N LEU B 105 -4.95 7.71 -5.89
CA LEU B 105 -5.12 7.11 -7.20
C LEU B 105 -5.27 8.19 -8.28
N LEU B 106 -5.99 9.25 -7.96
CA LEU B 106 -6.21 10.33 -8.92
C LEU B 106 -4.87 11.03 -9.16
N GLY B 107 -4.09 11.16 -8.10
CA GLY B 107 -2.79 11.78 -8.20
C GLY B 107 -1.90 11.04 -9.19
N ASN B 108 -1.89 9.72 -9.13
CA ASN B 108 -1.05 8.95 -10.04
C ASN B 108 -1.61 8.93 -11.45
N VAL B 109 -2.92 9.00 -11.57
CA VAL B 109 -3.54 9.03 -12.88
C VAL B 109 -3.20 10.39 -13.52
N LEU B 110 -3.23 11.43 -12.70
CA LEU B 110 -2.90 12.78 -13.17
C LEU B 110 -1.44 12.86 -13.64
N VAL B 111 -0.54 12.20 -12.91
CA VAL B 111 0.87 12.20 -13.31
C VAL B 111 1.00 11.54 -14.68
N CYS B 112 0.31 10.42 -14.88
CA CYS B 112 0.32 9.70 -16.15
C CYS B 112 -0.26 10.61 -17.25
N VAL B 113 -1.34 11.32 -16.94
CA VAL B 113 -1.93 12.23 -17.91
C VAL B 113 -0.95 13.35 -18.26
N LEU B 114 -0.24 13.87 -17.27
CA LEU B 114 0.72 14.92 -17.55
C LEU B 114 1.81 14.37 -18.47
N ALA B 115 2.21 13.12 -18.22
CA ALA B 115 3.25 12.47 -19.03
C ALA B 115 2.75 12.24 -20.44
N HIS B 116 1.51 11.81 -20.56
CA HIS B 116 0.92 11.55 -21.87
C HIS B 116 0.84 12.86 -22.65
N HIS B 117 0.31 13.88 -21.99
CA HIS B 117 0.10 15.20 -22.54
C HIS B 117 1.37 15.98 -22.89
N PHE B 118 2.36 15.95 -22.01
CA PHE B 118 3.60 16.67 -22.26
C PHE B 118 4.74 15.85 -22.83
N GLY B 119 4.57 14.54 -22.88
CA GLY B 119 5.62 13.70 -23.42
C GLY B 119 7.01 13.98 -22.88
N LYS B 120 7.98 14.07 -23.79
CA LYS B 120 9.39 14.31 -23.46
C LYS B 120 9.59 15.41 -22.43
N GLU B 121 8.76 16.44 -22.51
CA GLU B 121 8.86 17.57 -21.61
C GLU B 121 8.61 17.18 -20.15
N PHE B 122 7.87 16.10 -19.95
CA PHE B 122 7.57 15.61 -18.62
C PHE B 122 8.72 14.70 -18.20
N THR B 123 9.90 15.30 -18.04
CA THR B 123 11.11 14.57 -17.67
C THR B 123 11.02 13.92 -16.30
N PRO B 124 11.99 13.06 -15.97
CA PRO B 124 12.00 12.39 -14.67
C PRO B 124 12.03 13.38 -13.51
N PRO B 125 12.93 14.40 -13.57
CA PRO B 125 13.00 15.40 -12.49
C PRO B 125 11.67 16.14 -12.31
N VAL B 126 11.00 16.42 -13.42
CA VAL B 126 9.70 17.12 -13.39
C VAL B 126 8.67 16.19 -12.75
N GLN B 127 8.70 14.92 -13.13
CA GLN B 127 7.77 13.96 -12.55
C GLN B 127 7.94 13.93 -11.03
N ALA B 128 9.19 13.81 -10.59
CA ALA B 128 9.48 13.75 -9.17
C ALA B 128 8.86 14.92 -8.40
N ALA B 129 8.89 16.11 -9.00
CA ALA B 129 8.31 17.31 -8.37
C ALA B 129 6.81 17.13 -8.24
N TYR B 130 6.17 16.68 -9.32
CA TYR B 130 4.72 16.46 -9.31
C TYR B 130 4.29 15.33 -8.37
N GLN B 131 5.13 14.30 -8.24
CA GLN B 131 4.79 13.20 -7.34
C GLN B 131 4.68 13.76 -5.93
N LYS B 132 5.58 14.67 -5.59
CA LYS B 132 5.55 15.30 -4.27
C LYS B 132 4.28 16.11 -4.12
N VAL B 133 3.90 16.80 -5.19
CA VAL B 133 2.70 17.63 -5.19
C VAL B 133 1.43 16.80 -5.03
N VAL B 134 1.28 15.73 -5.81
CA VAL B 134 0.09 14.92 -5.68
C VAL B 134 0.02 14.23 -4.32
N ALA B 135 1.17 13.84 -3.77
CA ALA B 135 1.19 13.22 -2.44
C ALA B 135 0.79 14.27 -1.41
N GLY B 136 1.35 15.46 -1.55
CA GLY B 136 1.05 16.54 -0.63
C GLY B 136 -0.44 16.89 -0.59
N VAL B 137 -1.03 16.99 -1.77
CA VAL B 137 -2.44 17.32 -1.92
C VAL B 137 -3.30 16.20 -1.33
N ALA B 138 -2.95 14.95 -1.64
CA ALA B 138 -3.68 13.81 -1.11
C ALA B 138 -3.64 13.84 0.42
N ASN B 139 -2.45 13.98 0.98
CA ASN B 139 -2.32 14.01 2.43
C ASN B 139 -3.10 15.14 3.06
N ALA B 140 -3.09 16.29 2.39
CA ALA B 140 -3.80 17.46 2.88
C ALA B 140 -5.30 17.19 2.86
N LEU B 141 -5.80 16.62 1.77
CA LEU B 141 -7.22 16.32 1.66
C LEU B 141 -7.69 15.25 2.64
N ALA B 142 -6.75 14.45 3.13
CA ALA B 142 -7.07 13.37 4.06
C ALA B 142 -6.88 13.79 5.52
N HIS B 143 -6.12 14.84 5.74
CA HIS B 143 -5.78 15.31 7.08
C HIS B 143 -6.92 15.56 8.07
N LYS B 144 -8.06 16.04 7.60
CA LYS B 144 -9.18 16.33 8.49
C LYS B 144 -10.14 15.15 8.71
N TYR B 145 -9.90 14.02 8.05
CA TYR B 145 -10.76 12.88 8.24
C TYR B 145 -10.74 12.46 9.70
N HIS B 146 -11.85 11.91 10.17
CA HIS B 146 -11.95 11.48 11.56
C HIS B 146 -13.01 10.40 11.68
N VAL C 1 -0.04 -18.37 -2.34
CA VAL C 1 -0.19 -19.81 -2.31
C VAL C 1 -0.13 -20.36 -0.88
N LEU C 2 -1.28 -20.45 -0.24
CA LEU C 2 -1.33 -20.95 1.13
C LEU C 2 -0.82 -22.38 1.11
N SER C 3 0.25 -22.65 1.83
CA SER C 3 0.83 -23.98 1.89
C SER C 3 -0.11 -24.91 2.66
N PRO C 4 0.04 -26.24 2.47
CA PRO C 4 -0.81 -27.19 3.19
C PRO C 4 -0.62 -27.01 4.69
N ALA C 5 0.48 -26.37 5.07
CA ALA C 5 0.79 -26.11 6.48
C ALA C 5 0.10 -24.84 6.98
N ASP C 6 -0.02 -23.82 6.11
CA ASP C 6 -0.69 -22.58 6.51
C ASP C 6 -2.14 -22.91 6.79
N LYS C 7 -2.72 -23.73 5.92
CA LYS C 7 -4.12 -24.14 6.05
C LYS C 7 -4.33 -24.85 7.38
N THR C 8 -3.45 -25.79 7.68
CA THR C 8 -3.59 -26.55 8.91
C THR C 8 -3.56 -25.72 10.18
N ASN C 9 -2.62 -24.80 10.33
CA ASN C 9 -2.62 -24.01 11.55
C ASN C 9 -3.68 -22.90 11.51
N VAL C 10 -4.24 -22.67 10.33
CA VAL C 10 -5.31 -21.68 10.21
C VAL C 10 -6.55 -22.40 10.76
N LYS C 11 -6.80 -23.60 10.24
CA LYS C 11 -7.92 -24.40 10.68
C LYS C 11 -7.84 -24.61 12.19
N ALA C 12 -6.63 -24.75 12.69
CA ALA C 12 -6.41 -24.96 14.12
C ALA C 12 -6.73 -23.71 14.93
N ALA C 13 -6.27 -22.57 14.45
CA ALA C 13 -6.50 -21.30 15.15
C ALA C 13 -7.98 -20.92 15.10
N TRP C 14 -8.59 -21.12 13.94
CA TRP C 14 -9.99 -20.78 13.76
C TRP C 14 -10.87 -21.77 14.50
N GLY C 15 -10.40 -23.00 14.62
CA GLY C 15 -11.15 -24.02 15.34
C GLY C 15 -11.25 -23.60 16.80
N LYS C 16 -10.18 -23.00 17.32
CA LYS C 16 -10.13 -22.53 18.70
C LYS C 16 -11.05 -21.34 18.88
N VAL C 17 -11.11 -20.48 17.87
CA VAL C 17 -11.97 -19.31 17.93
C VAL C 17 -13.38 -19.83 18.17
N GLY C 18 -13.74 -20.86 17.39
CA GLY C 18 -15.04 -21.49 17.52
C GLY C 18 -16.24 -20.57 17.48
N ALA C 19 -17.06 -20.66 18.52
CA ALA C 19 -18.29 -19.87 18.62
C ALA C 19 -18.07 -18.39 18.93
N HIS C 20 -16.81 -17.97 19.03
CA HIS C 20 -16.51 -16.58 19.31
C HIS C 20 -16.25 -15.83 18.00
N ALA C 21 -16.20 -16.57 16.90
CA ALA C 21 -15.95 -15.98 15.59
C ALA C 21 -16.73 -14.69 15.38
N GLY C 22 -18.05 -14.76 15.52
CA GLY C 22 -18.88 -13.57 15.34
C GLY C 22 -18.43 -12.39 16.18
N GLU C 23 -18.28 -12.62 17.48
CA GLU C 23 -17.84 -11.57 18.41
C GLU C 23 -16.48 -10.98 18.00
N TYR C 24 -15.57 -11.84 17.56
CA TYR C 24 -14.25 -11.39 17.16
C TYR C 24 -14.32 -10.56 15.88
N GLY C 25 -15.25 -10.92 15.01
CA GLY C 25 -15.42 -10.19 13.77
C GLY C 25 -15.85 -8.77 14.03
N ALA C 26 -16.79 -8.58 14.95
CA ALA C 26 -17.28 -7.25 15.27
C ALA C 26 -16.17 -6.45 15.96
N GLU C 27 -15.44 -7.12 16.85
CA GLU C 27 -14.34 -6.47 17.54
C GLU C 27 -13.29 -5.97 16.54
N ALA C 28 -12.97 -6.80 15.55
CA ALA C 28 -11.98 -6.42 14.54
C ALA C 28 -12.43 -5.18 13.79
N LEU C 29 -13.74 -5.09 13.55
CA LEU C 29 -14.32 -3.95 12.85
C LEU C 29 -14.15 -2.67 13.66
N GLU C 30 -14.50 -2.73 14.94
CA GLU C 30 -14.37 -1.57 15.81
C GLU C 30 -12.91 -1.14 15.86
N ARG C 31 -12.01 -2.11 15.99
CA ARG C 31 -10.59 -1.82 16.02
C ARG C 31 -10.16 -1.04 14.77
N MET C 32 -10.67 -1.45 13.62
CA MET C 32 -10.36 -0.79 12.35
C MET C 32 -10.93 0.64 12.28
N PHE C 33 -12.18 0.81 12.71
CA PHE C 33 -12.79 2.13 12.68
C PHE C 33 -12.03 3.11 13.57
N LEU C 34 -11.47 2.64 14.68
CA LEU C 34 -10.71 3.50 15.58
C LEU C 34 -9.28 3.72 15.13
N SER C 35 -8.64 2.67 14.62
CA SER C 35 -7.24 2.76 14.18
C SER C 35 -7.08 3.39 12.81
N PHE C 36 -8.06 3.21 11.93
CA PHE C 36 -7.96 3.77 10.59
C PHE C 36 -9.30 4.40 10.23
N PRO C 37 -9.57 5.59 10.78
CA PRO C 37 -10.81 6.33 10.54
C PRO C 37 -11.31 6.40 9.10
N THR C 38 -10.40 6.38 8.13
CA THR C 38 -10.80 6.46 6.73
C THR C 38 -11.71 5.31 6.31
N THR C 39 -11.58 4.16 6.98
CA THR C 39 -12.42 3.01 6.64
C THR C 39 -13.89 3.29 6.98
N LYS C 40 -14.12 4.29 7.80
CA LYS C 40 -15.49 4.65 8.21
C LYS C 40 -16.27 5.24 7.05
N THR C 41 -15.56 5.72 6.03
CA THR C 41 -16.23 6.30 4.87
C THR C 41 -17.14 5.32 4.14
N TYR C 42 -16.95 4.03 4.36
CA TYR C 42 -17.75 3.00 3.70
C TYR C 42 -19.02 2.59 4.46
N PHE C 43 -19.23 3.16 5.63
CA PHE C 43 -20.37 2.80 6.46
C PHE C 43 -21.11 4.03 6.98
N PRO C 44 -21.52 4.93 6.07
CA PRO C 44 -22.24 6.15 6.47
C PRO C 44 -23.63 5.82 6.97
N HIS C 45 -24.15 4.67 6.54
CA HIS C 45 -25.48 4.22 6.93
C HIS C 45 -25.51 3.50 8.26
N PHE C 46 -24.31 3.25 8.81
CA PHE C 46 -24.17 2.58 10.11
C PHE C 46 -23.85 3.53 11.24
N ASP C 47 -24.27 3.16 12.45
CA ASP C 47 -23.95 3.91 13.67
C ASP C 47 -22.68 3.14 14.06
N LEU C 48 -21.55 3.83 14.14
CA LEU C 48 -20.29 3.17 14.46
C LEU C 48 -19.83 3.23 15.90
N SER C 49 -20.74 3.62 16.79
CA SER C 49 -20.44 3.71 18.22
C SER C 49 -20.13 2.33 18.77
N HIS C 50 -19.39 2.28 19.87
CA HIS C 50 -19.08 0.99 20.48
C HIS C 50 -20.43 0.35 20.80
N GLY C 51 -20.51 -0.98 20.70
CA GLY C 51 -21.75 -1.67 20.99
C GLY C 51 -22.78 -1.63 19.88
N SER C 52 -22.49 -0.91 18.79
CA SER C 52 -23.43 -0.82 17.67
C SER C 52 -23.88 -2.18 17.17
N ALA C 53 -25.20 -2.38 17.13
CA ALA C 53 -25.77 -3.64 16.66
C ALA C 53 -25.48 -3.85 15.17
N GLN C 54 -25.36 -2.76 14.43
CA GLN C 54 -25.07 -2.85 13.01
C GLN C 54 -23.66 -3.39 12.82
N VAL C 55 -22.73 -2.92 13.64
CA VAL C 55 -21.34 -3.38 13.60
C VAL C 55 -21.29 -4.84 14.03
N LYS C 56 -22.02 -5.15 15.10
CA LYS C 56 -22.09 -6.52 15.60
C LYS C 56 -22.63 -7.43 14.51
N GLY C 57 -23.70 -6.97 13.87
CA GLY C 57 -24.31 -7.75 12.81
C GLY C 57 -23.34 -7.98 11.66
N HIS C 58 -22.74 -6.90 11.18
CA HIS C 58 -21.80 -7.01 10.08
C HIS C 58 -20.66 -7.94 10.51
N GLY C 59 -20.16 -7.72 11.72
CA GLY C 59 -19.09 -8.54 12.23
C GLY C 59 -19.35 -10.03 12.12
N LYS C 60 -20.58 -10.46 12.41
CA LYS C 60 -20.91 -11.88 12.32
C LYS C 60 -20.87 -12.39 10.89
N LYS C 61 -21.31 -11.56 9.95
CA LYS C 61 -21.30 -11.94 8.55
C LYS C 61 -19.87 -12.08 8.07
N VAL C 62 -19.02 -11.12 8.47
CA VAL C 62 -17.61 -11.13 8.11
C VAL C 62 -16.93 -12.38 8.69
N ALA C 63 -17.29 -12.72 9.93
CA ALA C 63 -16.72 -13.89 10.58
C ALA C 63 -17.18 -15.16 9.87
N ASP C 64 -18.47 -15.23 9.58
CA ASP C 64 -19.06 -16.38 8.89
C ASP C 64 -18.40 -16.63 7.53
N ALA C 65 -18.13 -15.55 6.81
CA ALA C 65 -17.49 -15.68 5.51
C ALA C 65 -16.11 -16.30 5.71
N LEU C 66 -15.45 -15.89 6.78
CA LEU C 66 -14.12 -16.40 7.08
C LEU C 66 -14.18 -17.85 7.53
N THR C 67 -15.17 -18.19 8.34
CA THR C 67 -15.32 -19.56 8.81
C THR C 67 -15.57 -20.47 7.61
N ASN C 68 -16.32 -19.96 6.65
CA ASN C 68 -16.65 -20.72 5.46
C ASN C 68 -15.44 -20.92 4.57
N ALA C 69 -14.61 -19.87 4.46
CA ALA C 69 -13.39 -19.93 3.65
C ALA C 69 -12.43 -20.97 4.25
N VAL C 70 -12.45 -21.09 5.56
CA VAL C 70 -11.59 -22.04 6.26
C VAL C 70 -12.08 -23.46 5.99
N ALA C 71 -13.39 -23.63 5.91
CA ALA C 71 -13.99 -24.95 5.67
C ALA C 71 -13.69 -25.40 4.24
N HIS C 72 -13.52 -24.43 3.35
CA HIS C 72 -13.23 -24.69 1.95
C HIS C 72 -11.92 -24.00 1.59
N VAL C 73 -10.95 -24.06 2.49
CA VAL C 73 -9.66 -23.40 2.28
C VAL C 73 -8.91 -23.87 1.03
N ASP C 74 -9.16 -25.11 0.61
CA ASP C 74 -8.48 -25.63 -0.57
C ASP C 74 -9.08 -25.09 -1.86
N ASP C 75 -10.23 -24.45 -1.74
CA ASP C 75 -10.91 -23.85 -2.89
C ASP C 75 -11.73 -22.66 -2.41
N MET C 76 -11.02 -21.63 -1.95
CA MET C 76 -11.63 -20.41 -1.45
C MET C 76 -12.30 -19.55 -2.51
N PRO C 77 -11.74 -19.51 -3.73
CA PRO C 77 -12.36 -18.69 -4.77
C PRO C 77 -13.84 -19.02 -4.97
N ASN C 78 -14.21 -20.28 -4.79
CA ASN C 78 -15.60 -20.68 -4.94
C ASN C 78 -16.37 -20.25 -3.69
N ALA C 79 -15.90 -20.70 -2.54
CA ALA C 79 -16.53 -20.35 -1.26
C ALA C 79 -16.77 -18.85 -1.13
N LEU C 80 -15.86 -18.05 -1.71
CA LEU C 80 -15.95 -16.60 -1.63
C LEU C 80 -16.45 -15.92 -2.90
N SER C 81 -16.70 -16.71 -3.94
CA SER C 81 -17.16 -16.19 -5.23
C SER C 81 -18.30 -15.20 -5.12
N ALA C 82 -19.38 -15.60 -4.49
CA ALA C 82 -20.54 -14.71 -4.34
C ALA C 82 -20.11 -13.40 -3.68
N LEU C 83 -19.39 -13.51 -2.58
CA LEU C 83 -18.93 -12.34 -1.84
C LEU C 83 -17.95 -11.47 -2.64
N SER C 84 -17.02 -12.11 -3.34
CA SER C 84 -16.05 -11.39 -4.17
C SER C 84 -16.80 -10.55 -5.20
N ASP C 85 -17.86 -11.13 -5.73
CA ASP C 85 -18.69 -10.47 -6.71
C ASP C 85 -19.33 -9.23 -6.10
N LEU C 86 -19.78 -9.38 -4.86
CA LEU C 86 -20.44 -8.30 -4.13
C LEU C 86 -19.54 -7.09 -3.83
N HIS C 87 -18.29 -7.35 -3.43
CA HIS C 87 -17.42 -6.22 -3.13
C HIS C 87 -16.91 -5.58 -4.43
N ALA C 88 -16.70 -6.39 -5.46
CA ALA C 88 -16.19 -5.89 -6.72
C ALA C 88 -17.18 -5.05 -7.54
N HIS C 89 -18.42 -5.52 -7.65
CA HIS C 89 -19.40 -4.81 -8.47
C HIS C 89 -20.40 -3.90 -7.76
N LYS C 90 -20.41 -3.90 -6.44
CA LYS C 90 -21.35 -3.05 -5.71
C LYS C 90 -20.69 -2.24 -4.59
N LEU C 91 -20.22 -2.93 -3.56
CA LEU C 91 -19.57 -2.26 -2.43
C LEU C 91 -18.37 -1.43 -2.91
N ARG C 92 -17.60 -2.00 -3.83
CA ARG C 92 -16.44 -1.31 -4.39
C ARG C 92 -15.51 -0.64 -3.37
N VAL C 93 -15.15 -1.39 -2.34
CA VAL C 93 -14.24 -0.91 -1.30
C VAL C 93 -12.83 -0.89 -1.88
N ASP C 94 -12.13 0.25 -1.76
CA ASP C 94 -10.80 0.31 -2.30
C ASP C 94 -9.98 -0.84 -1.71
N PRO C 95 -9.25 -1.55 -2.58
CA PRO C 95 -8.42 -2.69 -2.14
C PRO C 95 -7.53 -2.45 -0.93
N VAL C 96 -7.00 -1.24 -0.77
CA VAL C 96 -6.11 -0.91 0.34
C VAL C 96 -6.68 -1.18 1.73
N ASN C 97 -8.00 -1.10 1.83
CA ASN C 97 -8.72 -1.31 3.08
C ASN C 97 -8.74 -2.75 3.60
N PHE C 98 -8.55 -3.70 2.70
CA PHE C 98 -8.55 -5.12 3.10
C PHE C 98 -7.38 -5.45 4.02
N LYS C 99 -6.24 -4.79 3.81
CA LYS C 99 -5.08 -5.04 4.68
C LYS C 99 -5.33 -4.44 6.05
N LEU C 100 -6.09 -3.34 6.09
CA LEU C 100 -6.41 -2.69 7.35
C LEU C 100 -7.30 -3.58 8.21
N LEU C 101 -8.35 -4.12 7.61
CA LEU C 101 -9.24 -5.01 8.37
C LEU C 101 -8.49 -6.30 8.71
N SER C 102 -7.70 -6.81 7.77
CA SER C 102 -6.93 -8.03 8.01
C SER C 102 -6.02 -7.83 9.23
N HIS C 103 -5.26 -6.74 9.25
CA HIS C 103 -4.39 -6.45 10.37
C HIS C 103 -5.19 -6.45 11.68
N CYS C 104 -6.34 -5.77 11.66
CA CYS C 104 -7.19 -5.70 12.85
C CYS C 104 -7.73 -7.07 13.25
N LEU C 105 -7.99 -7.95 12.28
CA LEU C 105 -8.46 -9.30 12.60
C LEU C 105 -7.30 -10.00 13.33
N LEU C 106 -6.09 -9.84 12.82
CA LEU C 106 -4.90 -10.44 13.45
C LEU C 106 -4.76 -9.96 14.89
N VAL C 107 -4.90 -8.65 15.10
CA VAL C 107 -4.80 -8.07 16.43
C VAL C 107 -5.86 -8.65 17.35
N THR C 108 -7.05 -8.86 16.81
CA THR C 108 -8.15 -9.43 17.60
C THR C 108 -7.83 -10.86 18.01
N LEU C 109 -7.37 -11.68 17.05
CA LEU C 109 -7.04 -13.07 17.35
C LEU C 109 -5.89 -13.08 18.36
N ALA C 110 -4.89 -12.25 18.15
CA ALA C 110 -3.75 -12.18 19.07
C ALA C 110 -4.21 -11.86 20.49
N ALA C 111 -5.17 -10.95 20.61
CA ALA C 111 -5.69 -10.52 21.91
C ALA C 111 -6.61 -11.53 22.58
N HIS C 112 -6.94 -12.61 21.89
CA HIS C 112 -7.84 -13.62 22.45
C HIS C 112 -7.22 -15.00 22.51
N LEU C 113 -6.15 -15.21 21.76
CA LEU C 113 -5.48 -16.51 21.69
C LEU C 113 -4.05 -16.54 22.21
N PRO C 114 -3.86 -16.39 23.52
CA PRO C 114 -2.52 -16.41 24.11
C PRO C 114 -1.66 -17.58 23.64
N ALA C 115 -2.19 -18.80 23.74
CA ALA C 115 -1.42 -19.98 23.37
C ALA C 115 -1.37 -20.29 21.88
N GLU C 116 -2.48 -20.09 21.19
CA GLU C 116 -2.56 -20.40 19.78
C GLU C 116 -1.75 -19.48 18.86
N PHE C 117 -1.74 -18.19 19.17
CA PHE C 117 -1.05 -17.20 18.35
C PHE C 117 0.48 -17.24 18.39
N THR C 118 1.05 -18.33 17.90
CA THR C 118 2.50 -18.48 17.86
C THR C 118 3.01 -17.75 16.62
N PRO C 119 4.34 -17.57 16.50
CA PRO C 119 4.90 -16.89 15.34
C PRO C 119 4.49 -17.56 14.02
N ALA C 120 4.56 -18.89 14.01
CA ALA C 120 4.18 -19.66 12.83
C ALA C 120 2.71 -19.47 12.49
N VAL C 121 1.86 -19.53 13.51
CA VAL C 121 0.42 -19.35 13.30
C VAL C 121 0.07 -17.91 12.91
N HIS C 122 0.83 -16.97 13.45
CA HIS C 122 0.66 -15.56 13.14
C HIS C 122 0.99 -15.41 11.65
N ALA C 123 2.06 -16.08 11.23
CA ALA C 123 2.47 -16.02 9.82
C ALA C 123 1.41 -16.63 8.91
N SER C 124 0.90 -17.79 9.27
CA SER C 124 -0.11 -18.46 8.46
C SER C 124 -1.41 -17.67 8.39
N LEU C 125 -1.82 -17.08 9.51
CA LEU C 125 -3.05 -16.29 9.55
C LEU C 125 -2.94 -15.06 8.65
N ASP C 126 -1.77 -14.43 8.67
CA ASP C 126 -1.55 -13.24 7.86
C ASP C 126 -1.68 -13.60 6.38
N LYS C 127 -1.04 -14.70 5.97
CA LYS C 127 -1.12 -15.15 4.58
C LYS C 127 -2.57 -15.49 4.22
N PHE C 128 -3.28 -16.11 5.16
CA PHE C 128 -4.67 -16.50 4.95
C PHE C 128 -5.53 -15.28 4.66
N LEU C 129 -5.45 -14.27 5.52
CA LEU C 129 -6.22 -13.05 5.36
C LEU C 129 -5.85 -12.28 4.09
N ALA C 130 -4.57 -12.35 3.70
CA ALA C 130 -4.12 -11.67 2.49
C ALA C 130 -4.71 -12.41 1.31
N SER C 131 -4.86 -13.73 1.47
CA SER C 131 -5.43 -14.59 0.44
C SER C 131 -6.90 -14.27 0.24
N VAL C 132 -7.61 -14.14 1.36
CA VAL C 132 -9.04 -13.82 1.34
C VAL C 132 -9.24 -12.48 0.68
N SER C 133 -8.36 -11.53 1.02
CA SER C 133 -8.39 -10.19 0.47
C SER C 133 -8.15 -10.23 -1.02
N THR C 134 -7.23 -11.06 -1.46
CA THR C 134 -6.93 -11.17 -2.87
C THR C 134 -8.15 -11.71 -3.63
N VAL C 135 -8.79 -12.72 -3.05
CA VAL C 135 -9.98 -13.31 -3.66
C VAL C 135 -11.12 -12.30 -3.76
N LEU C 136 -11.32 -11.52 -2.69
CA LEU C 136 -12.40 -10.55 -2.66
C LEU C 136 -12.19 -9.34 -3.57
N THR C 137 -10.96 -9.12 -4.02
CA THR C 137 -10.68 -8.00 -4.91
C THR C 137 -10.37 -8.49 -6.33
N SER C 138 -10.30 -9.81 -6.49
CA SER C 138 -9.98 -10.43 -7.78
C SER C 138 -10.85 -10.06 -8.98
N LYS C 139 -12.04 -9.51 -8.75
CA LYS C 139 -12.93 -9.17 -9.85
C LYS C 139 -13.15 -7.66 -10.00
N TYR C 140 -12.35 -6.88 -9.30
CA TYR C 140 -12.47 -5.43 -9.34
C TYR C 140 -12.30 -4.81 -10.72
N ARG C 141 -11.50 -5.44 -11.57
CA ARG C 141 -11.27 -4.93 -12.92
C ARG C 141 -10.62 -5.94 -13.83
N VAL D 1 2.54 12.93 12.32
CA VAL D 1 1.19 12.97 12.96
C VAL D 1 1.25 13.45 14.42
N HIS D 2 0.10 13.82 14.97
CA HIS D 2 0.06 14.32 16.35
C HIS D 2 -1.00 13.61 17.20
N LEU D 3 -0.54 12.85 18.19
CA LEU D 3 -1.42 12.13 19.10
C LEU D 3 -2.13 13.07 20.05
N THR D 4 -3.39 12.77 20.36
CA THR D 4 -4.16 13.60 21.28
C THR D 4 -3.74 13.28 22.72
N PRO D 5 -4.08 14.17 23.66
CA PRO D 5 -3.73 14.00 25.08
C PRO D 5 -4.22 12.69 25.72
N GLU D 6 -5.42 12.24 25.37
CA GLU D 6 -5.96 11.02 25.92
C GLU D 6 -5.42 9.76 25.26
N GLU D 7 -4.55 9.95 24.27
CA GLU D 7 -3.93 8.83 23.58
C GLU D 7 -2.48 8.71 24.03
N LYS D 8 -1.89 9.87 24.30
CA LYS D 8 -0.50 9.93 24.75
C LYS D 8 -0.43 9.27 26.12
N SER D 9 -1.51 9.41 26.89
CA SER D 9 -1.58 8.83 28.23
C SER D 9 -1.79 7.32 28.17
N ALA D 10 -2.55 6.88 27.18
CA ALA D 10 -2.82 5.45 27.01
C ALA D 10 -1.54 4.72 26.62
N VAL D 11 -0.74 5.37 25.79
CA VAL D 11 0.51 4.81 25.32
C VAL D 11 1.50 4.68 26.46
N THR D 12 1.73 5.78 27.17
CA THR D 12 2.67 5.77 28.28
C THR D 12 2.20 4.78 29.35
N ALA D 13 0.93 4.89 29.70
CA ALA D 13 0.34 4.01 30.70
C ALA D 13 0.64 2.57 30.37
N LEU D 14 0.35 2.15 29.14
CA LEU D 14 0.61 0.78 28.75
C LEU D 14 2.09 0.44 28.66
N TRP D 15 2.90 1.37 28.17
CA TRP D 15 4.33 1.12 28.04
C TRP D 15 5.05 0.90 29.36
N GLY D 16 4.48 1.41 30.45
CA GLY D 16 5.11 1.24 31.75
C GLY D 16 5.07 -0.19 32.25
N LYS D 17 4.19 -0.97 31.64
CA LYS D 17 4.02 -2.36 32.02
C LYS D 17 4.85 -3.29 31.16
N VAL D 18 5.45 -2.74 30.11
CA VAL D 18 6.25 -3.50 29.16
C VAL D 18 7.69 -3.81 29.54
N ASN D 19 8.11 -5.03 29.24
CA ASN D 19 9.47 -5.48 29.46
C ASN D 19 10.08 -5.32 28.07
N VAL D 20 10.68 -4.17 27.80
CA VAL D 20 11.25 -3.87 26.49
C VAL D 20 12.04 -5.00 25.81
N ASP D 21 13.03 -5.52 26.51
CA ASP D 21 13.86 -6.61 25.96
C ASP D 21 13.02 -7.78 25.47
N GLU D 22 12.02 -8.15 26.26
CA GLU D 22 11.13 -9.26 25.95
C GLU D 22 10.32 -8.96 24.68
N VAL D 23 9.69 -7.79 24.65
CA VAL D 23 8.90 -7.40 23.50
C VAL D 23 9.74 -7.18 22.25
N GLY D 24 10.91 -6.56 22.42
CA GLY D 24 11.77 -6.30 21.29
C GLY D 24 12.19 -7.55 20.55
N GLY D 25 12.64 -8.56 21.29
CA GLY D 25 13.06 -9.80 20.67
C GLY D 25 11.90 -10.50 19.97
N GLU D 26 10.75 -10.45 20.62
CA GLU D 26 9.53 -11.07 20.13
C GLU D 26 9.08 -10.41 18.82
N ALA D 27 9.07 -9.08 18.82
CA ALA D 27 8.66 -8.30 17.67
C ALA D 27 9.61 -8.47 16.50
N LEU D 28 10.91 -8.36 16.75
CA LEU D 28 11.86 -8.50 15.65
C LEU D 28 11.80 -9.91 15.07
N GLY D 29 11.64 -10.90 15.95
CA GLY D 29 11.57 -12.28 15.53
C GLY D 29 10.37 -12.55 14.63
N ARG D 30 9.19 -12.09 15.06
CA ARG D 30 7.97 -12.29 14.28
C ARG D 30 8.06 -11.55 12.96
N LEU D 31 8.77 -10.43 12.95
CA LEU D 31 8.91 -9.67 11.71
C LEU D 31 9.60 -10.57 10.69
N LEU D 32 10.70 -11.19 11.11
CA LEU D 32 11.48 -12.05 10.25
C LEU D 32 10.77 -13.35 9.89
N VAL D 33 9.78 -13.74 10.69
CA VAL D 33 9.03 -14.97 10.41
C VAL D 33 7.79 -14.70 9.54
N VAL D 34 7.04 -13.66 9.88
CA VAL D 34 5.85 -13.32 9.14
C VAL D 34 6.16 -12.73 7.75
N TYR D 35 7.19 -11.89 7.69
CA TYR D 35 7.59 -11.27 6.43
C TYR D 35 9.06 -11.63 6.26
N PRO D 36 9.33 -12.91 5.94
CA PRO D 36 10.69 -13.44 5.77
C PRO D 36 11.64 -12.69 4.84
N TRP D 37 11.13 -11.87 3.93
CA TRP D 37 12.04 -11.14 3.07
C TRP D 37 12.81 -10.09 3.87
N THR D 38 12.30 -9.74 5.06
CA THR D 38 13.00 -8.77 5.89
C THR D 38 14.33 -9.32 6.40
N GLN D 39 14.50 -10.64 6.26
CA GLN D 39 15.74 -11.30 6.70
C GLN D 39 16.90 -10.89 5.81
N ARG D 40 16.59 -10.15 4.74
CA ARG D 40 17.63 -9.69 3.83
C ARG D 40 18.67 -8.78 4.53
N PHE D 41 18.28 -8.15 5.64
CA PHE D 41 19.18 -7.24 6.35
C PHE D 41 19.89 -7.85 7.54
N PHE D 42 19.66 -9.15 7.77
CA PHE D 42 20.27 -9.80 8.93
C PHE D 42 20.99 -11.10 8.60
N GLU D 43 21.54 -11.18 7.39
CA GLU D 43 22.28 -12.37 6.97
C GLU D 43 23.42 -12.63 7.96
N SER D 44 23.84 -11.59 8.66
CA SER D 44 24.92 -11.70 9.64
C SER D 44 24.46 -12.34 10.95
N PHE D 45 23.15 -12.39 11.16
CA PHE D 45 22.61 -12.96 12.38
C PHE D 45 22.66 -14.49 12.36
N GLY D 46 23.01 -15.04 11.20
CA GLY D 46 23.09 -16.48 11.08
C GLY D 46 21.82 -17.16 10.60
N ASP D 47 21.48 -18.25 11.26
CA ASP D 47 20.32 -19.05 10.89
C ASP D 47 18.95 -18.50 11.25
N LEU D 48 18.15 -18.27 10.22
CA LEU D 48 16.80 -17.75 10.36
C LEU D 48 15.92 -18.56 9.39
N SER D 49 16.29 -19.82 9.18
CA SER D 49 15.60 -20.70 8.25
C SER D 49 14.23 -21.22 8.70
N THR D 50 13.98 -21.24 9.99
CA THR D 50 12.68 -21.71 10.50
C THR D 50 12.18 -20.82 11.64
N PRO D 51 10.87 -20.88 11.93
CA PRO D 51 10.29 -20.07 13.01
C PRO D 51 11.04 -20.26 14.31
N ASP D 52 11.33 -21.50 14.66
CA ASP D 52 12.04 -21.81 15.89
C ASP D 52 13.46 -21.26 15.85
N ALA D 53 14.10 -21.36 14.69
CA ALA D 53 15.46 -20.86 14.54
C ALA D 53 15.48 -19.33 14.75
N VAL D 54 14.56 -18.63 14.09
CA VAL D 54 14.49 -17.19 14.23
C VAL D 54 14.19 -16.76 15.67
N MET D 55 13.15 -17.34 16.26
CA MET D 55 12.78 -16.97 17.63
C MET D 55 13.81 -17.36 18.68
N GLY D 56 14.65 -18.34 18.36
CA GLY D 56 15.67 -18.76 19.30
C GLY D 56 17.05 -18.18 19.01
N ASN D 57 17.16 -17.42 17.93
CA ASN D 57 18.43 -16.81 17.54
C ASN D 57 18.80 -15.71 18.53
N PRO D 58 19.96 -15.85 19.20
CA PRO D 58 20.40 -14.85 20.17
C PRO D 58 20.68 -13.47 19.59
N LYS D 59 21.15 -13.42 18.35
CA LYS D 59 21.45 -12.13 17.71
C LYS D 59 20.16 -11.40 17.35
N VAL D 60 19.11 -12.15 17.05
CA VAL D 60 17.83 -11.53 16.72
C VAL D 60 17.28 -10.92 18.01
N LYS D 61 17.37 -11.67 19.11
CA LYS D 61 16.89 -11.18 20.41
C LYS D 61 17.66 -9.93 20.82
N ALA D 62 18.99 -9.99 20.74
CA ALA D 62 19.81 -8.86 21.12
C ALA D 62 19.50 -7.61 20.30
N HIS D 63 19.27 -7.77 19.00
CA HIS D 63 18.97 -6.60 18.18
C HIS D 63 17.57 -6.09 18.48
N GLY D 64 16.68 -7.01 18.86
CA GLY D 64 15.32 -6.62 19.18
C GLY D 64 15.29 -5.64 20.33
N LYS D 65 16.11 -5.88 21.35
CA LYS D 65 16.15 -4.98 22.51
C LYS D 65 16.72 -3.59 22.19
N LYS D 66 17.65 -3.50 21.24
CA LYS D 66 18.22 -2.22 20.85
C LYS D 66 17.20 -1.41 20.06
N VAL D 67 16.49 -2.09 19.17
CA VAL D 67 15.48 -1.44 18.35
C VAL D 67 14.34 -0.89 19.19
N LEU D 68 13.77 -1.74 20.05
CA LEU D 68 12.66 -1.33 20.88
C LEU D 68 13.10 -0.40 21.99
N GLY D 69 14.40 -0.39 22.26
CA GLY D 69 14.95 0.49 23.27
C GLY D 69 14.98 1.89 22.70
N ALA D 70 15.34 2.01 21.42
CA ALA D 70 15.37 3.31 20.77
C ALA D 70 13.92 3.75 20.56
N PHE D 71 13.06 2.77 20.30
CA PHE D 71 11.63 3.04 20.12
C PHE D 71 11.11 3.58 21.46
N SER D 72 11.47 2.88 22.54
CA SER D 72 11.02 3.28 23.87
C SER D 72 11.43 4.72 24.19
N ASP D 73 12.72 5.02 24.01
CA ASP D 73 13.21 6.36 24.29
C ASP D 73 12.44 7.39 23.48
N GLY D 74 12.00 7.00 22.29
CA GLY D 74 11.26 7.91 21.44
C GLY D 74 9.88 8.28 21.98
N LEU D 75 9.31 7.42 22.83
CA LEU D 75 7.99 7.67 23.39
C LEU D 75 8.00 8.86 24.36
N ALA D 76 9.19 9.31 24.73
CA ALA D 76 9.31 10.46 25.62
C ALA D 76 9.16 11.74 24.80
N HIS D 77 9.18 11.61 23.48
CA HIS D 77 9.04 12.77 22.60
C HIS D 77 8.02 12.51 21.52
N LEU D 78 6.79 12.17 21.92
CA LEU D 78 5.73 11.87 20.98
C LEU D 78 5.27 13.08 20.19
N ASP D 79 5.76 14.26 20.54
CA ASP D 79 5.40 15.49 19.84
C ASP D 79 6.49 15.89 18.85
N ASN D 80 7.64 15.24 18.95
CA ASN D 80 8.77 15.55 18.07
C ASN D 80 9.44 14.29 17.57
N LEU D 81 8.65 13.38 17.01
CA LEU D 81 9.19 12.12 16.51
C LEU D 81 10.23 12.27 15.41
N LYS D 82 9.99 13.18 14.47
CA LYS D 82 10.95 13.40 13.38
C LYS D 82 12.33 13.85 13.87
N GLY D 83 12.35 14.83 14.76
CA GLY D 83 13.62 15.34 15.28
C GLY D 83 14.31 14.35 16.19
N THR D 84 13.52 13.58 16.94
CA THR D 84 14.07 12.61 17.86
C THR D 84 14.73 11.43 17.12
N PHE D 85 14.17 11.08 15.97
CA PHE D 85 14.69 9.95 15.18
C PHE D 85 15.47 10.37 13.93
N ALA D 86 15.77 11.66 13.81
CA ALA D 86 16.50 12.18 12.66
C ALA D 86 17.82 11.47 12.39
N THR D 87 18.56 11.17 13.45
CA THR D 87 19.85 10.51 13.30
C THR D 87 19.75 9.06 12.86
N LEU D 88 18.84 8.32 13.47
CA LEU D 88 18.66 6.92 13.10
C LEU D 88 18.05 6.84 11.69
N SER D 89 17.37 7.91 11.27
CA SER D 89 16.76 7.95 9.95
C SER D 89 17.88 7.98 8.91
N GLU D 90 18.87 8.84 9.15
CA GLU D 90 20.01 8.95 8.24
C GLU D 90 20.81 7.66 8.22
N LEU D 91 20.95 7.03 9.38
CA LEU D 91 21.70 5.78 9.49
C LEU D 91 21.06 4.65 8.67
N HIS D 92 19.76 4.49 8.82
CA HIS D 92 19.05 3.45 8.10
C HIS D 92 19.10 3.68 6.59
N CYS D 93 19.08 4.94 6.18
CA CYS D 93 19.14 5.27 4.75
C CYS D 93 20.56 5.21 4.19
N ASP D 94 21.46 5.99 4.75
CA ASP D 94 22.83 6.06 4.27
C ASP D 94 23.78 4.91 4.55
N LYS D 95 23.63 4.23 5.67
CA LYS D 95 24.54 3.15 5.98
C LYS D 95 23.89 1.78 5.93
N LEU D 96 22.66 1.69 6.40
CA LEU D 96 21.94 0.42 6.42
C LEU D 96 21.15 0.13 5.15
N HIS D 97 20.82 1.17 4.40
CA HIS D 97 20.07 0.98 3.15
C HIS D 97 18.79 0.16 3.41
N VAL D 98 18.03 0.56 4.42
CA VAL D 98 16.79 -0.13 4.78
C VAL D 98 15.54 0.58 4.25
N ASP D 99 14.79 -0.13 3.42
CA ASP D 99 13.55 0.39 2.86
C ASP D 99 12.65 0.75 4.04
N PRO D 100 12.16 2.00 4.10
CA PRO D 100 11.29 2.46 5.19
C PRO D 100 10.00 1.65 5.31
N GLU D 101 9.60 0.96 4.25
CA GLU D 101 8.38 0.17 4.33
C GLU D 101 8.53 -0.81 5.50
N ASN D 102 9.77 -1.23 5.75
CA ASN D 102 10.10 -2.16 6.83
C ASN D 102 9.66 -1.66 8.20
N PHE D 103 9.74 -0.35 8.42
CA PHE D 103 9.33 0.23 9.70
C PHE D 103 7.82 0.07 9.87
N ARG D 104 7.08 0.15 8.76
CA ARG D 104 5.62 -0.03 8.83
C ARG D 104 5.28 -1.45 9.26
N LEU D 105 5.97 -2.41 8.67
CA LEU D 105 5.74 -3.82 8.98
C LEU D 105 6.08 -4.09 10.44
N LEU D 106 7.25 -3.63 10.89
CA LEU D 106 7.62 -3.84 12.29
C LEU D 106 6.57 -3.22 13.19
N GLY D 107 6.09 -2.04 12.82
CA GLY D 107 5.07 -1.37 13.60
C GLY D 107 3.81 -2.21 13.75
N ASN D 108 3.37 -2.86 12.67
CA ASN D 108 2.17 -3.69 12.76
C ASN D 108 2.45 -4.95 13.56
N VAL D 109 3.65 -5.52 13.39
CA VAL D 109 4.03 -6.70 14.15
C VAL D 109 4.08 -6.35 15.63
N LEU D 110 4.68 -5.21 15.95
CA LEU D 110 4.75 -4.75 17.33
C LEU D 110 3.34 -4.69 17.92
N VAL D 111 2.40 -4.13 17.16
CA VAL D 111 1.02 -4.04 17.63
C VAL D 111 0.45 -5.43 17.92
N CYS D 112 0.76 -6.40 17.07
CA CYS D 112 0.28 -7.76 17.28
C CYS D 112 0.90 -8.38 18.53
N VAL D 113 2.15 -8.05 18.81
CA VAL D 113 2.80 -8.61 20.00
C VAL D 113 2.17 -8.03 21.28
N LEU D 114 1.96 -6.72 21.28
CA LEU D 114 1.37 -6.05 22.44
C LEU D 114 -0.02 -6.61 22.73
N ALA D 115 -0.75 -6.95 21.67
CA ALA D 115 -2.09 -7.50 21.81
C ALA D 115 -1.98 -8.92 22.36
N HIS D 116 -1.07 -9.70 21.77
CA HIS D 116 -0.86 -11.08 22.19
C HIS D 116 -0.46 -11.14 23.66
N HIS D 117 0.41 -10.21 24.06
CA HIS D 117 0.93 -10.14 25.43
C HIS D 117 -0.04 -9.56 26.45
N PHE D 118 -0.79 -8.53 26.06
CA PHE D 118 -1.73 -7.89 26.97
C PHE D 118 -3.16 -8.35 26.89
N GLY D 119 -3.51 -9.09 25.85
CA GLY D 119 -4.86 -9.58 25.71
C GLY D 119 -5.91 -8.49 25.81
N LYS D 120 -6.95 -8.75 26.60
CA LYS D 120 -8.05 -7.81 26.78
C LYS D 120 -7.66 -6.35 27.06
N GLU D 121 -6.62 -6.12 27.84
CA GLU D 121 -6.19 -4.76 28.16
C GLU D 121 -5.74 -3.98 26.92
N PHE D 122 -5.47 -4.69 25.83
CA PHE D 122 -5.07 -4.02 24.60
C PHE D 122 -6.35 -3.75 23.83
N THR D 123 -7.15 -2.84 24.41
CA THR D 123 -8.44 -2.44 23.87
C THR D 123 -8.34 -1.76 22.52
N PRO D 124 -9.48 -1.64 21.81
CA PRO D 124 -9.50 -0.97 20.50
C PRO D 124 -8.92 0.43 20.62
N PRO D 125 -9.36 1.20 21.63
CA PRO D 125 -8.85 2.55 21.80
C PRO D 125 -7.33 2.57 22.11
N VAL D 126 -6.83 1.57 22.83
CA VAL D 126 -5.41 1.55 23.14
C VAL D 126 -4.67 1.21 21.86
N GLN D 127 -5.23 0.30 21.07
CA GLN D 127 -4.58 -0.06 19.82
C GLN D 127 -4.53 1.17 18.91
N ALA D 128 -5.63 1.93 18.90
CA ALA D 128 -5.70 3.12 18.07
C ALA D 128 -4.54 4.06 18.40
N ALA D 129 -4.30 4.27 19.70
CA ALA D 129 -3.23 5.14 20.14
C ALA D 129 -1.89 4.64 19.62
N TYR D 130 -1.65 3.34 19.76
CA TYR D 130 -0.40 2.73 19.30
C TYR D 130 -0.24 2.72 17.78
N GLN D 131 -1.35 2.64 17.06
CA GLN D 131 -1.24 2.66 15.61
C GLN D 131 -0.76 4.04 15.19
N LYS D 132 -1.19 5.07 15.91
CA LYS D 132 -0.77 6.43 15.62
C LYS D 132 0.72 6.56 15.91
N VAL D 133 1.15 5.96 17.01
CA VAL D 133 2.55 6.00 17.42
C VAL D 133 3.48 5.30 16.44
N VAL D 134 3.16 4.06 16.07
CA VAL D 134 4.02 3.33 15.15
C VAL D 134 4.10 4.01 13.78
N ALA D 135 2.98 4.58 13.34
CA ALA D 135 2.93 5.28 12.06
C ALA D 135 3.85 6.50 12.18
N GLY D 136 3.79 7.15 13.34
CA GLY D 136 4.63 8.32 13.57
C GLY D 136 6.11 7.99 13.53
N VAL D 137 6.50 6.96 14.28
CA VAL D 137 7.89 6.55 14.31
C VAL D 137 8.38 6.14 12.90
N ALA D 138 7.56 5.37 12.17
CA ALA D 138 7.94 4.97 10.82
C ALA D 138 8.12 6.20 9.94
N ASN D 139 7.17 7.14 10.03
CA ASN D 139 7.27 8.36 9.23
C ASN D 139 8.52 9.16 9.65
N ALA D 140 8.82 9.16 10.95
CA ALA D 140 9.99 9.86 11.47
C ALA D 140 11.27 9.18 10.98
N LEU D 141 11.29 7.84 11.01
CA LEU D 141 12.46 7.12 10.56
C LEU D 141 12.69 7.28 9.05
N ALA D 142 11.62 7.44 8.29
CA ALA D 142 11.72 7.61 6.84
C ALA D 142 11.93 9.06 6.40
N HIS D 143 11.74 10.00 7.31
CA HIS D 143 11.84 11.41 6.98
C HIS D 143 13.16 11.92 6.36
N LYS D 144 14.28 11.36 6.79
CA LYS D 144 15.58 11.79 6.30
C LYS D 144 16.11 11.04 5.09
N TYR D 145 15.31 10.14 4.52
CA TYR D 145 15.75 9.40 3.34
C TYR D 145 15.87 10.36 2.18
N HIS D 146 16.81 10.09 1.28
CA HIS D 146 17.06 10.93 0.12
C HIS D 146 17.62 10.09 -1.01
CHA HEM E . 17.14 -7.86 -10.78
CHB HEM E . 13.06 -7.81 -13.42
CHC HEM E . 10.93 -5.18 -9.97
CHD HEM E . 15.12 -4.77 -7.63
C1A HEM E . 16.18 -8.13 -11.75
C2A HEM E . 16.48 -8.76 -13.03
C3A HEM E . 15.37 -8.73 -13.78
C4A HEM E . 14.36 -8.06 -12.96
CMA HEM E . 15.23 -9.26 -15.21
CAA HEM E . 17.81 -9.34 -13.54
CBA HEM E . 18.03 -10.77 -13.07
CGA HEM E . 19.22 -11.41 -13.77
O1A HEM E . 20.33 -10.84 -13.70
O2A HEM E . 19.04 -12.49 -14.37
C1B HEM E . 12.12 -7.12 -12.68
C2B HEM E . 10.77 -6.84 -13.14
C3B HEM E . 10.15 -6.15 -12.14
C4B HEM E . 11.13 -6.00 -11.08
CMB HEM E . 10.11 -7.37 -14.43
CAB HEM E . 8.80 -5.71 -12.08
CBB HEM E . 8.19 -5.00 -13.16
C1C HEM E . 11.89 -4.83 -9.02
C2C HEM E . 11.68 -3.81 -8.00
C3C HEM E . 12.88 -3.63 -7.36
C4C HEM E . 13.79 -4.61 -8.00
CMC HEM E . 10.36 -3.14 -7.63
CAC HEM E . 13.22 -2.73 -6.32
CBC HEM E . 12.73 -1.37 -6.14
C1D HEM E . 15.98 -5.65 -8.24
C2D HEM E . 17.38 -5.74 -7.90
C3D HEM E . 17.97 -6.53 -8.82
C4D HEM E . 16.92 -7.02 -9.69
CMD HEM E . 18.08 -5.17 -6.70
CAD HEM E . 19.46 -6.81 -8.88
CBD HEM E . 20.13 -6.08 -10.04
CGD HEM E . 21.64 -6.33 -10.10
O1D HEM E . 22.18 -6.33 -11.23
O2D HEM E . 22.27 -6.51 -9.05
NA HEM E . 14.87 -7.70 -11.71
NB HEM E . 12.33 -6.63 -11.38
NC HEM E . 13.17 -5.34 -8.99
ND HEM E . 15.68 -6.46 -9.31
FE HEM E . 13.90 -6.85 -10.16
C11 3U8 F . -6.08 -7.00 -11.41
C12 3U8 F . -6.76 -6.96 -10.09
C13 3U8 F . -6.63 -5.78 -9.22
C8 3U8 F . -5.78 -4.65 -9.69
C5 3U8 F . -4.82 -2.35 -6.81
C6 3U8 F . -5.77 -3.34 -7.52
C4 3U8 F . -4.84 -2.41 -5.28
O1 3U8 F . -3.17 -4.22 -5.54
O2 3U8 F . -3.90 -3.75 -3.45
C3 3U8 F . -3.95 -3.51 -4.68
O7 3U8 F . -5.55 -3.42 -8.96
C9 3U8 F . -5.12 -4.76 -10.98
C10 3U8 F . -5.26 -5.90 -11.83
CL1 3U8 F . -7.49 -5.76 -7.66
C16 3U8 F . -6.22 -8.20 -12.37
O17 3U8 F . -7.35 -8.63 -12.59
C18 3U8 F . -5.06 -8.86 -13.06
C19 3U8 F . -5.01 -10.20 -13.25
C20 3U8 F . -3.94 -10.99 -12.58
N21 3U8 F . -3.09 -11.67 -13.22
C22 3U8 F . -2.18 -12.34 -12.34
C23 3U8 F . -2.69 -11.95 -11.16
N24 3U8 F . -3.78 -11.12 -11.24
CHA HEM G . -16.62 17.68 -4.91
CHB HEM G . -11.93 18.98 -5.00
CHC HEM G . -10.77 14.35 -5.75
CHD HEM G . -15.34 12.98 -5.19
C1A HEM G . -15.44 18.45 -4.89
C2A HEM G . -15.37 19.92 -4.82
C3A HEM G . -14.08 20.27 -4.95
C4A HEM G . -13.34 19.02 -5.01
CMA HEM G . -13.55 21.71 -5.13
CAA HEM G . -16.47 20.96 -4.64
CBA HEM G . -16.82 21.21 -3.19
CGA HEM G . -17.86 22.30 -3.03
O1A HEM G . -17.50 23.49 -3.08
O2A HEM G . -19.06 21.97 -2.88
C1B HEM G . -11.21 17.80 -5.06
C2B HEM G . -9.76 17.76 -5.19
C3B HEM G . -9.44 16.46 -5.43
C4B HEM G . -10.69 15.71 -5.46
CMB HEM G . -8.79 18.92 -4.87
CAB HEM G . -8.13 15.92 -5.45
CBB HEM G . -7.08 16.32 -6.34
C1C HEM G . -11.91 13.60 -5.72
C2C HEM G . -11.95 12.19 -6.10
C3C HEM G . -13.24 11.76 -5.81
C4C HEM G . -13.96 12.95 -5.32
CMC HEM G . -10.79 11.36 -6.73
CAC HEM G . -13.78 10.47 -5.91
CBC HEM G . -13.32 9.37 -6.74
C1D HEM G . -16.07 14.18 -5.03
C2D HEM G . -17.52 14.21 -5.06
C3D HEM G . -17.90 15.50 -5.01
C4D HEM G . -16.65 16.28 -4.93
CMD HEM G . -18.43 13.00 -5.19
CAD HEM G . -19.33 16.04 -5.06
CBD HEM G . -19.69 16.33 -6.51
CGD HEM G . -21.03 17.03 -6.67
O1D HEM G . -21.36 17.42 -7.81
O2D HEM G . -21.77 17.17 -5.67
NA HEM G . -14.17 17.91 -4.94
NB HEM G . -11.77 16.52 -5.14
NC HEM G . -13.14 14.07 -5.26
ND HEM G . -15.54 15.44 -4.91
FE HEM G . -13.61 15.97 -4.70
S SO4 H . 2.90 21.68 2.44
O1 SO4 H . 4.25 21.50 1.85
O2 SO4 H . 2.52 20.46 3.17
O3 SO4 H . 2.92 22.83 3.36
O4 SO4 H . 1.93 21.93 1.36
CHA HEM I . -20.47 -6.36 3.56
CHB HEM I . -17.20 -9.86 4.30
CHC HEM I . -13.66 -6.53 4.03
CHD HEM I . -16.95 -3.03 3.56
C1A HEM I . -19.88 -7.60 3.74
C2A HEM I . -20.63 -8.83 3.90
C3A HEM I . -19.74 -9.82 4.10
C4A HEM I . -18.41 -9.18 4.08
CMA HEM I . -20.01 -11.32 4.20
CAA HEM I . -22.16 -8.89 3.79
CBA HEM I . -22.67 -9.93 2.81
CGA HEM I . -24.09 -9.64 2.37
O1A HEM I . -24.88 -9.13 3.18
O2A HEM I . -24.41 -9.95 1.19
C1B HEM I . -15.95 -9.25 4.23
C2B HEM I . -14.68 -9.96 4.42
C3B HEM I . -13.71 -9.05 4.32
C4B HEM I . -14.35 -7.75 4.12
CMB HEM I . -14.46 -11.44 4.70
CAB HEM I . -12.35 -9.30 4.33
CBB HEM I . -11.64 -9.48 5.57
C1C HEM I . -14.25 -5.29 3.84
C2C HEM I . -13.52 -4.02 4.01
C3C HEM I . -14.45 -3.03 3.93
C4C HEM I . -15.75 -3.70 3.68
CMC HEM I . -12.02 -3.82 4.20
CAC HEM I . -14.25 -1.66 4.08
CBC HEM I . -13.37 -1.01 5.02
C1D HEM I . -18.18 -3.66 3.40
C2D HEM I . -19.42 -2.95 3.37
C3D HEM I . -20.41 -3.84 3.45
C4D HEM I . -19.77 -5.14 3.46
CMD HEM I . -19.60 -1.43 3.24
CAD HEM I . -21.91 -3.47 3.53
CBD HEM I . -22.51 -3.69 4.92
CGD HEM I . -24.01 -3.41 4.97
O1D HEM I . -24.72 -4.17 5.67
O2D HEM I . -24.48 -2.46 4.32
NA HEM I . -18.52 -7.83 3.79
NB HEM I . -15.73 -7.88 4.01
NC HEM I . -15.63 -5.09 3.63
ND HEM I . -18.38 -5.04 3.42
FE HEM I . -17.03 -6.49 3.34
C11 3U8 J . 1.49 -14.84 0.14
C12 3U8 J . 2.44 -13.97 -0.58
C13 3U8 J . 2.52 -12.51 -0.27
C8 3U8 J . 1.63 -11.95 0.81
C5 3U8 J . 0.72 -8.74 -0.25
C6 3U8 J . 1.93 -9.47 0.35
C4 3U8 J . 0.99 -7.28 -0.60
O1 3U8 J . 0.13 -6.13 -2.54
O2 3U8 J . -1.37 -6.83 -0.95
C3 3U8 J . -0.18 -6.73 -1.35
O7 3U8 J . 1.58 -10.56 1.25
C9 3U8 J . 0.71 -12.87 1.48
C10 3U8 J . 0.65 -14.27 1.16
CL1 3U8 J . 3.67 -11.48 -1.17
C16 3U8 J . 1.34 -16.38 -0.15
O17 3U8 J . 2.34 -17.08 -0.30
C18 3U8 J . -0.01 -17.05 -0.27
C19 3U8 J . -0.53 -17.46 -1.47
C20 3U8 J . -1.96 -17.30 -1.88
N21 3U8 J . -2.94 -17.92 -1.35
C22 3U8 J . -4.20 -17.55 -1.95
C23 3U8 J . -3.75 -16.64 -2.85
N24 3U8 J . -2.38 -16.44 -2.85
CHA HEM K . 20.31 -1.05 13.62
CHB HEM K . 16.60 1.24 15.76
CHC HEM K . 13.59 -0.81 12.60
CHD HEM K . 17.30 -2.84 10.30
C1A HEM K . 19.56 -0.26 14.49
C2A HEM K . 20.10 0.34 15.69
C3A HEM K . 19.07 1.03 16.24
C4A HEM K . 17.88 0.79 15.45
CMA HEM K . 19.16 1.96 17.43
CAA HEM K . 21.52 0.28 16.25
CBA HEM K . 21.90 -0.95 17.07
CGA HEM K . 23.32 -0.89 17.62
O1A HEM K . 24.26 -0.70 16.81
O2A HEM K . 23.50 -1.01 18.85
C1B HEM K . 15.47 1.00 14.98
C2B HEM K . 14.15 1.52 15.25
C3B HEM K . 13.28 0.93 14.40
C4B HEM K . 14.11 0.05 13.56
CMB HEM K . 13.79 2.65 16.22
CAB HEM K . 11.89 1.10 14.32
CBB HEM K . 11.01 1.25 15.45
C1C HEM K . 14.33 -1.59 11.73
C2C HEM K . 13.74 -2.49 10.73
C3C HEM K . 14.81 -3.04 10.05
C4C HEM K . 16.01 -2.48 10.66
CMC HEM K . 12.24 -2.77 10.53
CAC HEM K . 14.80 -3.97 8.99
CBC HEM K . 13.71 -4.80 8.53
C1D HEM K . 18.44 -2.47 10.98
C2D HEM K . 19.76 -3.06 10.69
C3D HEM K . 20.59 -2.58 11.64
C4D HEM K . 19.80 -1.68 12.49
CMD HEM K . 20.13 -3.98 9.52
CAD HEM K . 22.06 -2.98 11.78
CBD HEM K . 22.25 -4.10 12.80
CGD HEM K . 23.70 -4.56 12.89
O1D HEM K . 24.18 -5.23 11.95
O2D HEM K . 24.36 -4.24 13.91
NA HEM K . 18.20 0.04 14.33
NB HEM K . 15.46 0.16 13.87
NC HEM K . 15.71 -1.59 11.69
ND HEM K . 18.48 -1.59 12.07
FE HEM K . 17.02 -0.44 12.78
S SO4 L . 9.18 17.13 14.85
O1 SO4 L . 10.49 16.47 14.72
O2 SO4 L . 9.09 17.79 16.17
O3 SO4 L . 9.04 18.14 13.78
O4 SO4 L . 8.09 16.12 14.72
#